data_7U6H
#
_entry.id   7U6H
#
_cell.length_a   72.050
_cell.length_b   73.226
_cell.length_c   73.176
_cell.angle_alpha   66.240
_cell.angle_beta   75.800
_cell.angle_gamma   85.280
#
_symmetry.space_group_name_H-M   'P 1'
#
loop_
_entity.id
_entity.type
_entity.pdbx_description
1 polymer 'Halogenase D'
2 non-polymer 'NICKEL (II) ION'
3 non-polymer 'CHLORIDE ION'
4 non-polymer L-ornithine
5 non-polymer 'TRIETHYLENE GLYCOL'
6 non-polymer '2-OXOGLUTARIC ACID'
7 non-polymer 'TETRAETHYLENE GLYCOL'
8 non-polymer DI(HYDROXYETHYL)ETHER
9 water water
#
_entity_poly.entity_id   1
_entity_poly.type   'polypeptide(L)'
_entity_poly.pdbx_seq_one_letter_code
;MSEQTSSLVIEVMEQQLAKHFQAILQDENRMKQIRNEFRRDGYFNFKNFSFLPKRILENVHAEVHALLDEYSVRRDVTVP
STGNTYRKMYNVNQPEIAEGGTFIPALYQSESLRKFLGNIAGDDLASCWEQEQYLVTKLSHPGDTHGWHWGDYPYTMIWI
IEAPEDPAIGGVLQCVPHSEWDKQNPQIWQYILNNPIKSYHHLKGDVYFLKSDTTLHHVVPIQQETTRIILNTCWASAHD
RRTDVAHESIEVIWDTKARTTEEA
;
_entity_poly.pdbx_strand_id   A,B,C,D
#
loop_
_chem_comp.id
_chem_comp.type
_chem_comp.name
_chem_comp.formula
AKG non-polymer '2-OXOGLUTARIC ACID' 'C5 H6 O5'
CL non-polymer 'CHLORIDE ION' 'Cl -1'
NI non-polymer 'NICKEL (II) ION' 'Ni 2'
PEG non-polymer DI(HYDROXYETHYL)ETHER 'C4 H10 O3'
PG4 non-polymer 'TETRAETHYLENE GLYCOL' 'C8 H18 O5'
PGE non-polymer 'TRIETHYLENE GLYCOL' 'C6 H14 O4'
#
# COMPACT_ATOMS: atom_id res chain seq x y z
N SER A 7 19.82 -42.14 10.72
CA SER A 7 18.74 -42.45 11.65
C SER A 7 18.91 -41.71 12.97
N LEU A 8 20.06 -41.91 13.62
CA LEU A 8 20.32 -41.28 14.91
C LEU A 8 20.61 -39.79 14.75
N VAL A 9 21.30 -39.42 13.67
CA VAL A 9 21.57 -38.01 13.39
C VAL A 9 20.27 -37.29 13.12
N ILE A 10 19.40 -37.92 12.35
CA ILE A 10 18.07 -37.38 12.09
C ILE A 10 17.21 -37.31 13.33
N GLU A 11 17.32 -38.28 14.23
CA GLU A 11 16.56 -38.23 15.46
C GLU A 11 17.01 -37.07 16.33
N VAL A 12 18.31 -36.81 16.37
CA VAL A 12 18.84 -35.67 17.12
C VAL A 12 18.48 -34.36 16.43
N MET A 13 18.52 -34.34 15.10
CA MET A 13 18.16 -33.13 14.37
C MET A 13 16.72 -32.71 14.64
N GLU A 14 15.80 -33.67 14.68
CA GLU A 14 14.40 -33.35 14.96
C GLU A 14 14.25 -32.75 16.35
N GLN A 15 15.00 -33.24 17.32
CA GLN A 15 14.97 -32.67 18.66
C GLN A 15 15.46 -31.22 18.66
N GLN A 16 16.52 -30.95 17.89
CA GLN A 16 17.02 -29.58 17.81
C GLN A 16 16.04 -28.66 17.10
N LEU A 17 15.34 -29.19 16.08
CA LEU A 17 14.33 -28.39 15.39
C LEU A 17 13.16 -28.06 16.31
N ALA A 18 12.68 -29.05 17.07
CA ALA A 18 11.54 -28.82 17.95
C ALA A 18 11.85 -27.74 18.98
N LYS A 19 13.04 -27.78 19.57
CA LYS A 19 13.43 -26.75 20.53
C LYS A 19 13.58 -25.39 19.85
N HIS A 20 14.09 -25.37 18.62
CA HIS A 20 14.26 -24.10 17.91
C HIS A 20 12.92 -23.46 17.59
N PHE A 21 11.97 -24.25 17.06
CA PHE A 21 10.67 -23.70 16.72
C PHE A 21 9.86 -23.35 17.95
N GLN A 22 10.00 -24.12 19.04
CA GLN A 22 9.28 -23.80 20.27
C GLN A 22 9.75 -22.47 20.85
N ALA A 23 11.04 -22.17 20.71
CA ALA A 23 11.55 -20.88 21.21
C ALA A 23 10.96 -19.71 20.44
N ILE A 24 10.70 -19.88 19.13
CA ILE A 24 10.07 -18.83 18.36
C ILE A 24 8.59 -18.74 18.70
N LEU A 25 7.91 -19.87 18.83
CA LEU A 25 6.48 -19.89 19.11
C LEU A 25 6.16 -19.35 20.51
N GLN A 26 7.13 -19.32 21.42
CA GLN A 26 6.87 -18.84 22.77
C GLN A 26 6.47 -17.37 22.78
N ASP A 27 6.94 -16.58 21.82
CA ASP A 27 6.57 -15.18 21.69
C ASP A 27 5.32 -15.11 20.82
N GLU A 28 4.16 -15.26 21.46
CA GLU A 28 2.90 -15.29 20.72
C GLU A 28 2.60 -13.94 20.07
N ASN A 29 2.92 -12.84 20.77
CA ASN A 29 2.66 -11.51 20.21
C ASN A 29 3.48 -11.29 18.94
N ARG A 30 4.70 -11.83 18.88
CA ARG A 30 5.48 -11.75 17.65
CA ARG A 30 5.48 -11.75 17.65
C ARG A 30 4.93 -12.68 16.59
N MET A 31 4.46 -13.86 17.00
CA MET A 31 3.86 -14.80 16.05
C MET A 31 2.64 -14.19 15.36
N LYS A 32 1.85 -13.41 16.11
CA LYS A 32 0.71 -12.73 15.51
C LYS A 32 1.15 -11.84 14.35
N GLN A 33 2.28 -11.15 14.52
CA GLN A 33 2.79 -10.29 13.46
C GLN A 33 3.32 -11.11 12.29
N ILE A 34 3.95 -12.25 12.57
CA ILE A 34 4.47 -13.10 11.51
C ILE A 34 3.34 -13.70 10.70
N ARG A 35 2.32 -14.23 11.37
CA ARG A 35 1.14 -14.72 10.66
C ARG A 35 0.47 -13.61 9.87
N ASN A 36 0.37 -12.42 10.47
CA ASN A 36 -0.16 -11.25 9.77
C ASN A 36 0.58 -10.99 8.47
N GLU A 37 1.90 -10.87 8.55
CA GLU A 37 2.69 -10.52 7.38
C GLU A 37 2.66 -11.61 6.31
N PHE A 38 2.72 -12.88 6.72
CA PHE A 38 2.68 -13.95 5.74
C PHE A 38 1.35 -14.00 5.02
N ARG A 39 0.24 -13.84 5.75
CA ARG A 39 -1.07 -13.89 5.12
C ARG A 39 -1.32 -12.65 4.28
N ARG A 40 -0.87 -11.48 4.75
CA ARG A 40 -1.12 -10.25 4.01
C ARG A 40 -0.28 -10.18 2.74
N ASP A 41 0.99 -10.55 2.82
CA ASP A 41 1.91 -10.42 1.69
C ASP A 41 2.14 -11.73 0.95
N GLY A 42 1.60 -12.85 1.44
CA GLY A 42 1.93 -14.13 0.85
C GLY A 42 3.39 -14.50 0.98
N TYR A 43 4.09 -13.90 1.92
CA TYR A 43 5.55 -13.97 1.96
C TYR A 43 6.04 -13.58 3.35
N PHE A 44 7.06 -14.30 3.83
CA PHE A 44 7.77 -13.90 5.05
C PHE A 44 9.16 -14.50 5.00
N ASN A 45 10.17 -13.68 5.26
CA ASN A 45 11.57 -14.05 5.14
C ASN A 45 12.20 -14.26 6.51
N PHE A 46 12.74 -15.46 6.74
CA PHE A 46 13.59 -15.72 7.90
C PHE A 46 15.02 -15.41 7.50
N LYS A 47 15.49 -14.20 7.84
CA LYS A 47 16.77 -13.73 7.36
C LYS A 47 17.93 -14.21 8.24
N ASN A 48 19.10 -14.32 7.60
CA ASN A 48 20.38 -14.47 8.29
C ASN A 48 20.44 -15.72 9.17
N PHE A 49 20.22 -16.87 8.52
CA PHE A 49 20.40 -18.18 9.15
C PHE A 49 19.55 -18.31 10.42
N SER A 50 18.30 -17.86 10.36
CA SER A 50 17.43 -17.87 11.52
C SER A 50 16.32 -18.92 11.47
N PHE A 51 16.01 -19.46 10.28
CA PHE A 51 14.90 -20.40 10.19
C PHE A 51 15.21 -21.70 10.93
N LEU A 52 16.42 -22.23 10.75
CA LEU A 52 16.86 -23.44 11.42
C LEU A 52 18.11 -23.11 12.24
N PRO A 53 18.55 -23.99 13.13
CA PRO A 53 19.90 -23.86 13.68
C PRO A 53 20.91 -23.75 12.55
N LYS A 54 21.87 -22.83 12.71
CA LYS A 54 22.77 -22.48 11.62
C LYS A 54 23.52 -23.70 11.10
N ARG A 55 23.93 -24.60 12.00
CA ARG A 55 24.69 -25.77 11.58
C ARG A 55 23.86 -26.66 10.65
N ILE A 56 22.58 -26.83 10.95
CA ILE A 56 21.72 -27.64 10.11
C ILE A 56 21.49 -26.96 8.76
N LEU A 57 21.29 -25.65 8.76
CA LEU A 57 21.14 -24.91 7.52
C LEU A 57 22.36 -25.06 6.63
N GLU A 58 23.56 -24.97 7.21
CA GLU A 58 24.78 -25.13 6.42
C GLU A 58 24.90 -26.55 5.89
N ASN A 59 24.38 -27.54 6.62
CA ASN A 59 24.33 -28.90 6.09
C ASN A 59 23.43 -28.99 4.87
N VAL A 60 22.32 -28.22 4.88
CA VAL A 60 21.44 -28.17 3.72
C VAL A 60 22.15 -27.53 2.55
N HIS A 61 22.87 -26.43 2.79
CA HIS A 61 23.59 -25.74 1.72
C HIS A 61 24.60 -26.68 1.06
N ALA A 62 25.37 -27.42 1.87
CA ALA A 62 26.35 -28.35 1.33
C ALA A 62 25.66 -29.45 0.53
N GLU A 63 24.51 -29.92 1.01
CA GLU A 63 23.81 -30.99 0.30
C GLU A 63 23.30 -30.52 -1.05
N VAL A 64 22.77 -29.29 -1.11
CA VAL A 64 22.29 -28.74 -2.38
C VAL A 64 23.44 -28.60 -3.37
N HIS A 65 24.58 -28.09 -2.90
CA HIS A 65 25.75 -27.99 -3.76
C HIS A 65 26.17 -29.36 -4.29
N ALA A 66 26.17 -30.38 -3.43
CA ALA A 66 26.56 -31.70 -3.85
C ALA A 66 25.57 -32.28 -4.85
N LEU A 67 24.27 -32.01 -4.66
CA LEU A 67 23.27 -32.51 -5.59
C LEU A 67 23.41 -31.85 -6.96
N LEU A 68 23.75 -30.56 -6.99
CA LEU A 68 23.99 -29.90 -8.26
C LEU A 68 25.24 -30.44 -8.93
N ASP A 69 26.30 -30.70 -8.15
CA ASP A 69 27.51 -31.28 -8.72
C ASP A 69 27.24 -32.64 -9.35
N GLU A 70 26.24 -33.36 -8.86
CA GLU A 70 25.95 -34.71 -9.33
C GLU A 70 24.85 -34.79 -10.36
N TYR A 71 23.82 -33.92 -10.28
CA TYR A 71 22.61 -34.09 -11.06
C TYR A 71 22.23 -32.87 -11.90
N SER A 72 23.11 -31.87 -12.00
CA SER A 72 22.72 -30.62 -12.66
C SER A 72 22.33 -30.86 -14.12
N VAL A 73 21.18 -30.35 -14.50
CA VAL A 73 20.67 -30.44 -15.86
C VAL A 73 20.23 -29.04 -16.29
N ARG A 74 20.71 -28.61 -17.46
CA ARG A 74 20.34 -27.30 -17.98
C ARG A 74 19.01 -27.38 -18.72
N ARG A 75 18.15 -26.37 -18.49
CA ARG A 75 16.83 -26.32 -19.11
CA ARG A 75 16.83 -26.32 -19.11
C ARG A 75 16.53 -24.89 -19.52
N ASP A 76 16.02 -24.73 -20.74
CA ASP A 76 15.63 -23.42 -21.29
C ASP A 76 14.29 -23.63 -22.01
N VAL A 77 13.19 -23.48 -21.26
CA VAL A 77 11.87 -23.81 -21.74
C VAL A 77 10.91 -22.68 -21.42
N THR A 78 9.72 -22.75 -22.03
CA THR A 78 8.58 -21.92 -21.67
C THR A 78 7.48 -22.81 -21.12
N VAL A 79 6.65 -22.24 -20.26
CA VAL A 79 5.61 -22.98 -19.56
C VAL A 79 4.25 -22.51 -20.09
N PRO A 80 3.57 -23.29 -20.91
CA PRO A 80 2.29 -22.82 -21.49
C PRO A 80 1.22 -22.54 -20.44
N SER A 81 1.27 -23.20 -19.28
CA SER A 81 0.27 -22.97 -18.25
C SER A 81 0.48 -21.66 -17.49
N THR A 82 1.63 -21.01 -17.66
CA THR A 82 1.87 -19.71 -17.02
C THR A 82 2.09 -18.63 -18.07
N GLY A 83 1.24 -18.58 -19.09
CA GLY A 83 1.37 -17.57 -20.12
C GLY A 83 2.66 -17.66 -20.92
N ASN A 84 3.24 -18.85 -21.01
CA ASN A 84 4.46 -19.09 -21.78
C ASN A 84 5.65 -18.31 -21.23
N THR A 85 5.71 -18.13 -19.91
CA THR A 85 6.86 -17.49 -19.31
C THR A 85 8.06 -18.44 -19.30
N TYR A 86 9.25 -17.87 -19.20
CA TYR A 86 10.49 -18.60 -19.41
C TYR A 86 10.98 -19.27 -18.14
N ARG A 87 11.70 -20.38 -18.33
CA ARG A 87 12.46 -21.04 -17.28
C ARG A 87 13.82 -21.37 -17.87
N LYS A 88 14.84 -20.63 -17.46
CA LYS A 88 16.21 -20.78 -17.95
C LYS A 88 17.12 -20.96 -16.75
N MET A 89 17.61 -22.18 -16.54
CA MET A 89 18.22 -22.52 -15.26
C MET A 89 18.93 -23.87 -15.39
N TYR A 90 19.77 -24.15 -14.39
CA TYR A 90 20.17 -25.51 -14.06
C TYR A 90 19.31 -25.97 -12.89
N ASN A 91 18.93 -27.24 -12.88
CA ASN A 91 18.05 -27.70 -11.83
C ASN A 91 18.33 -29.16 -11.49
N VAL A 92 17.81 -29.58 -10.33
CA VAL A 92 17.82 -30.96 -9.87
C VAL A 92 16.41 -31.28 -9.39
N ASN A 93 15.85 -32.39 -9.88
CA ASN A 93 14.45 -32.68 -9.62
C ASN A 93 14.29 -33.51 -8.35
N GLN A 94 13.03 -33.81 -8.02
CA GLN A 94 12.73 -34.53 -6.78
C GLN A 94 13.31 -35.93 -6.74
N PRO A 95 13.17 -36.78 -7.77
CA PRO A 95 13.77 -38.12 -7.68
C PRO A 95 15.28 -38.09 -7.53
N GLU A 96 15.95 -37.12 -8.15
CA GLU A 96 17.39 -37.00 -7.98
C GLU A 96 17.76 -36.60 -6.56
N ILE A 97 16.99 -35.67 -5.97
CA ILE A 97 17.24 -35.29 -4.58
C ILE A 97 16.90 -36.46 -3.65
N ALA A 98 15.84 -37.19 -3.97
CA ALA A 98 15.47 -38.36 -3.20
C ALA A 98 16.51 -39.48 -3.28
N GLU A 99 17.34 -39.49 -4.32
CA GLU A 99 18.30 -40.58 -4.47
C GLU A 99 19.58 -40.31 -3.68
N GLY A 100 20.07 -39.07 -3.74
CA GLY A 100 21.34 -38.75 -3.09
C GLY A 100 21.25 -37.92 -1.84
N GLY A 101 20.08 -37.35 -1.56
CA GLY A 101 19.96 -36.47 -0.42
C GLY A 101 19.70 -37.21 0.88
N THR A 102 19.98 -36.53 1.98
CA THR A 102 19.77 -37.10 3.31
C THR A 102 19.02 -36.11 4.19
N PHE A 103 19.58 -34.90 4.34
CA PHE A 103 18.94 -33.91 5.21
C PHE A 103 17.67 -33.36 4.61
N ILE A 104 17.64 -33.14 3.30
CA ILE A 104 16.51 -32.51 2.64
C ILE A 104 15.27 -33.40 2.68
N PRO A 105 15.35 -34.70 2.31
CA PRO A 105 14.15 -35.53 2.46
C PRO A 105 13.68 -35.67 3.90
N ALA A 106 14.60 -35.71 4.85
CA ALA A 106 14.22 -35.80 6.25
C ALA A 106 13.55 -34.51 6.73
N LEU A 107 14.10 -33.36 6.34
CA LEU A 107 13.51 -32.09 6.74
C LEU A 107 12.11 -31.93 6.19
N TYR A 108 11.86 -32.44 4.98
CA TYR A 108 10.53 -32.35 4.40
C TYR A 108 9.49 -33.09 5.24
N GLN A 109 9.89 -34.19 5.87
CA GLN A 109 9.00 -34.98 6.71
C GLN A 109 9.04 -34.57 8.17
N SER A 110 9.77 -33.51 8.51
CA SER A 110 9.92 -33.10 9.90
C SER A 110 8.59 -32.60 10.43
N GLU A 111 8.10 -33.23 11.50
CA GLU A 111 6.83 -32.83 12.09
C GLU A 111 6.91 -31.44 12.70
N SER A 112 8.02 -31.13 13.39
CA SER A 112 8.16 -29.83 14.01
C SER A 112 8.21 -28.72 12.96
N LEU A 113 8.86 -29.00 11.83
CA LEU A 113 8.89 -28.03 10.73
C LEU A 113 7.51 -27.82 10.15
N ARG A 114 6.77 -28.90 9.91
CA ARG A 114 5.43 -28.79 9.35
C ARG A 114 4.48 -28.09 10.31
N LYS A 115 4.59 -28.40 11.61
CA LYS A 115 3.72 -27.76 12.59
C LYS A 115 4.03 -26.27 12.73
N PHE A 116 5.31 -25.90 12.62
CA PHE A 116 5.68 -24.49 12.73
C PHE A 116 5.17 -23.69 11.54
N LEU A 117 5.39 -24.20 10.32
CA LEU A 117 4.87 -23.51 9.14
C LEU A 117 3.35 -23.50 9.14
N GLY A 118 2.73 -24.59 9.59
CA GLY A 118 1.28 -24.60 9.72
C GLY A 118 0.78 -23.61 10.74
N ASN A 119 1.54 -23.38 11.80
CA ASN A 119 1.18 -22.36 12.78
C ASN A 119 1.16 -20.97 12.15
N ILE A 120 2.15 -20.68 11.31
CA ILE A 120 2.19 -19.38 10.65
C ILE A 120 1.07 -19.26 9.62
N ALA A 121 0.87 -20.31 8.82
CA ALA A 121 -0.11 -20.26 7.74
C ALA A 121 -1.55 -20.41 8.23
N GLY A 122 -1.75 -20.92 9.44
CA GLY A 122 -3.09 -21.20 9.92
C GLY A 122 -3.73 -22.41 9.29
N ASP A 123 -2.94 -23.46 9.05
CA ASP A 123 -3.41 -24.65 8.36
C ASP A 123 -2.58 -25.84 8.82
N ASP A 124 -2.94 -27.02 8.34
CA ASP A 124 -2.19 -28.24 8.58
C ASP A 124 -1.48 -28.64 7.30
N LEU A 125 -0.17 -28.85 7.40
CA LEU A 125 0.64 -29.17 6.23
C LEU A 125 0.72 -30.67 6.03
N ALA A 126 0.73 -31.09 4.76
CA ALA A 126 0.89 -32.48 4.39
C ALA A 126 1.78 -32.56 3.15
N SER A 127 2.27 -33.76 2.88
CA SER A 127 3.10 -33.96 1.70
C SER A 127 2.28 -33.72 0.43
N CYS A 128 2.88 -33.01 -0.52
CA CYS A 128 2.24 -32.75 -1.80
C CYS A 128 2.53 -33.90 -2.76
N TRP A 129 2.14 -33.74 -4.02
CA TRP A 129 2.50 -34.71 -5.06
C TRP A 129 3.99 -34.95 -5.04
N GLU A 130 4.37 -36.24 -5.10
CA GLU A 130 5.73 -36.65 -4.73
C GLU A 130 6.79 -35.89 -5.50
N GLN A 131 6.67 -35.82 -6.81
CA GLN A 131 7.72 -35.25 -7.65
C GLN A 131 7.79 -33.71 -7.57
N GLU A 132 7.05 -33.09 -6.65
CA GLU A 132 7.16 -31.65 -6.41
C GLU A 132 7.55 -31.36 -4.97
N GLN A 133 7.85 -32.38 -4.17
CA GLN A 133 8.11 -32.17 -2.75
C GLN A 133 9.33 -31.29 -2.51
N TYR A 134 10.40 -31.50 -3.30
CA TYR A 134 11.58 -30.65 -3.19
C TYR A 134 12.27 -30.56 -4.53
N LEU A 135 12.69 -29.34 -4.88
CA LEU A 135 13.33 -29.05 -6.15
C LEU A 135 14.44 -28.02 -5.93
N VAL A 136 15.44 -28.06 -6.80
CA VAL A 136 16.59 -27.15 -6.74
C VAL A 136 16.71 -26.43 -8.07
N THR A 137 17.01 -25.13 -8.02
CA THR A 137 17.28 -24.34 -9.22
C THR A 137 18.57 -23.57 -9.03
N LYS A 138 19.29 -23.37 -10.15
CA LYS A 138 20.52 -22.60 -10.15
C LYS A 138 20.51 -21.66 -11.34
N LEU A 139 20.56 -20.35 -11.07
CA LEU A 139 20.67 -19.33 -12.12
C LEU A 139 22.10 -18.81 -12.14
N SER A 140 22.68 -18.72 -13.33
CA SER A 140 24.08 -18.34 -13.45
C SER A 140 24.33 -17.33 -14.56
N HIS A 141 23.85 -17.62 -15.76
CA HIS A 141 24.22 -16.81 -16.90
C HIS A 141 23.23 -15.68 -17.11
N PRO A 142 23.68 -14.58 -17.72
CA PRO A 142 22.75 -13.49 -18.07
C PRO A 142 21.60 -14.00 -18.91
N GLY A 143 20.38 -13.70 -18.48
CA GLY A 143 19.18 -14.20 -19.09
C GLY A 143 18.49 -15.31 -18.32
N ASP A 144 19.22 -15.99 -17.43
CA ASP A 144 18.62 -17.02 -16.60
C ASP A 144 17.53 -16.41 -15.72
N THR A 145 16.38 -17.08 -15.66
CA THR A 145 15.23 -16.50 -14.97
C THR A 145 14.27 -17.61 -14.57
N HIS A 146 13.33 -17.25 -13.71
CA HIS A 146 12.21 -18.10 -13.31
C HIS A 146 10.98 -17.22 -13.49
N GLY A 147 10.35 -17.30 -14.66
CA GLY A 147 9.31 -16.35 -15.04
C GLY A 147 8.09 -16.42 -14.15
N TRP A 148 7.17 -15.48 -14.41
CA TRP A 148 5.94 -15.35 -13.65
C TRP A 148 5.19 -16.67 -13.60
N HIS A 149 4.74 -17.05 -12.40
CA HIS A 149 4.06 -18.32 -12.22
C HIS A 149 3.38 -18.34 -10.85
N TRP A 150 2.57 -19.37 -10.65
CA TRP A 150 2.06 -19.76 -9.35
C TRP A 150 2.52 -21.17 -9.05
N GLY A 151 2.24 -21.63 -7.83
CA GLY A 151 2.46 -23.02 -7.46
C GLY A 151 1.14 -23.78 -7.42
N ASP A 152 1.22 -25.08 -7.71
CA ASP A 152 0.03 -25.92 -7.61
C ASP A 152 -0.37 -26.16 -6.16
N TYR A 153 0.54 -25.94 -5.21
CA TYR A 153 0.31 -26.21 -3.81
C TYR A 153 0.62 -24.97 -2.99
N PRO A 154 -0.02 -24.80 -1.82
CA PRO A 154 -0.03 -23.48 -1.17
C PRO A 154 1.21 -23.12 -0.36
N TYR A 155 1.93 -24.09 0.19
CA TYR A 155 2.94 -23.80 1.20
C TYR A 155 4.32 -24.18 0.69
N THR A 156 5.12 -23.16 0.35
CA THR A 156 6.44 -23.34 -0.24
C THR A 156 7.48 -22.64 0.63
N MET A 157 8.58 -23.33 0.89
CA MET A 157 9.73 -22.75 1.57
C MET A 157 10.90 -22.67 0.58
N ILE A 158 11.46 -21.49 0.42
CA ILE A 158 12.57 -21.25 -0.49
C ILE A 158 13.82 -21.01 0.34
N TRP A 159 14.82 -21.88 0.17
CA TRP A 159 16.06 -21.83 0.94
C TRP A 159 17.13 -21.22 0.03
N ILE A 160 17.61 -20.03 0.40
CA ILE A 160 18.62 -19.34 -0.39
C ILE A 160 19.97 -19.96 -0.09
N ILE A 161 20.52 -20.70 -1.05
CA ILE A 161 21.82 -21.36 -0.87
C ILE A 161 22.96 -20.44 -1.30
N GLU A 162 22.84 -19.84 -2.48
CA GLU A 162 23.78 -18.84 -2.97
C GLU A 162 23.02 -17.71 -3.63
N ALA A 163 23.53 -16.49 -3.48
CA ALA A 163 22.87 -15.34 -4.08
C ALA A 163 23.87 -14.19 -4.17
N PRO A 164 23.86 -13.43 -5.26
CA PRO A 164 24.72 -12.23 -5.32
C PRO A 164 24.24 -11.17 -4.33
N GLU A 165 25.20 -10.49 -3.71
CA GLU A 165 24.85 -9.48 -2.71
C GLU A 165 24.31 -8.22 -3.37
N ASP A 166 24.69 -7.96 -4.62
CA ASP A 166 24.20 -6.78 -5.33
C ASP A 166 22.92 -7.13 -6.06
N PRO A 167 21.78 -6.51 -5.70
CA PRO A 167 20.53 -6.82 -6.43
C PRO A 167 20.57 -6.41 -7.88
N ALA A 168 21.48 -5.52 -8.28
CA ALA A 168 21.60 -5.13 -9.68
C ALA A 168 22.04 -6.29 -10.56
N ILE A 169 22.68 -7.31 -9.99
CA ILE A 169 23.06 -8.48 -10.75
C ILE A 169 21.85 -9.30 -11.15
N GLY A 170 20.74 -9.15 -10.45
CA GLY A 170 19.51 -9.85 -10.76
C GLY A 170 19.12 -10.81 -9.65
N GLY A 171 18.08 -11.60 -9.93
CA GLY A 171 17.58 -12.56 -8.98
C GLY A 171 16.59 -12.02 -7.98
N VAL A 172 16.11 -10.79 -8.17
CA VAL A 172 15.13 -10.21 -7.25
C VAL A 172 13.80 -10.92 -7.41
N LEU A 173 13.16 -11.22 -6.28
CA LEU A 173 11.83 -11.82 -6.28
C LEU A 173 10.77 -10.74 -6.21
N GLN A 174 9.75 -10.85 -7.05
CA GLN A 174 8.62 -9.94 -7.06
C GLN A 174 7.34 -10.75 -6.87
N CYS A 175 6.39 -10.19 -6.11
CA CYS A 175 5.21 -10.94 -5.70
C CYS A 175 3.95 -10.12 -5.87
N VAL A 176 2.87 -10.80 -6.22
CA VAL A 176 1.52 -10.24 -6.22
C VAL A 176 0.63 -11.22 -5.45
N PRO A 177 0.36 -10.98 -4.18
CA PRO A 177 -0.43 -11.93 -3.40
C PRO A 177 -1.92 -11.81 -3.68
N HIS A 178 -2.66 -12.81 -3.19
CA HIS A 178 -4.12 -12.84 -3.28
C HIS A 178 -4.60 -12.87 -4.72
N SER A 179 -3.86 -13.58 -5.56
CA SER A 179 -4.28 -13.96 -6.90
C SER A 179 -4.59 -15.46 -6.89
N GLU A 180 -4.71 -16.04 -8.08
CA GLU A 180 -4.81 -17.49 -8.21
C GLU A 180 -4.45 -17.88 -9.64
N TRP A 181 -4.25 -19.18 -9.83
CA TRP A 181 -3.68 -19.71 -11.06
C TRP A 181 -4.79 -20.32 -11.92
N ASP A 182 -5.12 -19.64 -13.02
CA ASP A 182 -5.99 -20.19 -14.06
C ASP A 182 -5.07 -20.61 -15.20
N LYS A 183 -4.86 -21.92 -15.35
CA LYS A 183 -3.87 -22.41 -16.30
C LYS A 183 -4.26 -22.14 -17.74
N GLN A 184 -5.56 -22.02 -18.02
CA GLN A 184 -6.03 -21.72 -19.37
CA GLN A 184 -6.03 -21.72 -19.37
C GLN A 184 -6.18 -20.23 -19.62
N ASN A 185 -6.24 -19.42 -18.57
CA ASN A 185 -6.42 -17.97 -18.70
C ASN A 185 -5.76 -17.29 -17.51
N PRO A 186 -4.42 -17.23 -17.50
CA PRO A 186 -3.72 -16.77 -16.29
C PRO A 186 -3.95 -15.30 -15.95
N GLN A 187 -4.13 -14.44 -16.96
CA GLN A 187 -4.36 -13.02 -16.73
C GLN A 187 -3.26 -12.41 -15.86
N ILE A 188 -2.02 -12.75 -16.18
CA ILE A 188 -0.88 -12.32 -15.35
C ILE A 188 -0.79 -10.80 -15.34
N TRP A 189 -0.91 -10.17 -16.50
CA TRP A 189 -0.78 -8.72 -16.57
C TRP A 189 -1.92 -8.01 -15.85
N GLN A 190 -3.11 -8.60 -15.84
CA GLN A 190 -4.23 -7.96 -15.16
C GLN A 190 -4.03 -7.97 -13.64
N TYR A 191 -3.44 -9.05 -13.11
CA TYR A 191 -3.12 -9.07 -11.69
C TYR A 191 -2.07 -8.02 -11.35
N ILE A 192 -1.11 -7.81 -12.25
CA ILE A 192 -0.06 -6.82 -12.03
C ILE A 192 -0.65 -5.42 -12.07
N LEU A 193 -1.60 -5.17 -12.97
CA LEU A 193 -2.19 -3.84 -13.09
C LEU A 193 -3.12 -3.53 -11.92
N ASN A 194 -3.74 -4.55 -11.33
N ASN A 194 -3.74 -4.54 -11.33
CA ASN A 194 -4.72 -4.36 -10.28
CA ASN A 194 -4.72 -4.35 -10.28
C ASN A 194 -4.13 -4.42 -8.88
C ASN A 194 -4.13 -4.44 -8.88
N ASN A 195 -2.82 -4.63 -8.76
CA ASN A 195 -2.18 -4.79 -7.46
C ASN A 195 -0.82 -4.11 -7.48
N PRO A 196 -0.32 -3.71 -6.31
CA PRO A 196 1.08 -3.29 -6.21
C PRO A 196 2.00 -4.51 -6.17
N ILE A 197 3.18 -4.34 -6.76
CA ILE A 197 4.21 -5.37 -6.77
C ILE A 197 5.22 -5.07 -5.66
N LYS A 198 5.45 -6.06 -4.81
CA LYS A 198 6.50 -5.98 -3.80
C LYS A 198 7.70 -6.81 -4.25
N SER A 199 8.89 -6.24 -4.10
CA SER A 199 10.13 -6.87 -4.54
C SER A 199 11.02 -7.15 -3.34
N TYR A 200 11.71 -8.30 -3.39
CA TYR A 200 12.53 -8.75 -2.28
C TYR A 200 13.87 -9.25 -2.79
N HIS A 201 14.93 -8.91 -2.07
CA HIS A 201 16.27 -9.43 -2.33
C HIS A 201 16.67 -10.38 -1.21
N HIS A 202 17.40 -11.43 -1.56
CA HIS A 202 17.76 -12.47 -0.60
C HIS A 202 19.25 -12.75 -0.65
N LEU A 203 19.79 -13.10 0.51
CA LEU A 203 21.20 -13.45 0.65
C LEU A 203 21.31 -14.90 1.11
N LYS A 204 22.50 -15.47 0.91
CA LYS A 204 22.79 -16.81 1.38
C LYS A 204 22.47 -16.92 2.87
N GLY A 205 21.70 -17.95 3.22
CA GLY A 205 21.24 -18.15 4.58
C GLY A 205 19.80 -17.74 4.81
N ASP A 206 19.23 -16.94 3.92
CA ASP A 206 17.81 -16.61 4.01
C ASP A 206 16.96 -17.83 3.67
N VAL A 207 15.82 -17.96 4.36
CA VAL A 207 14.81 -18.95 4.05
C VAL A 207 13.45 -18.27 4.21
N TYR A 208 12.69 -18.19 3.13
CA TYR A 208 11.42 -17.47 3.20
C TYR A 208 10.24 -18.39 2.90
N PHE A 209 9.13 -18.10 3.58
CA PHE A 209 7.88 -18.83 3.43
C PHE A 209 7.02 -18.12 2.38
N LEU A 210 6.48 -18.90 1.44
CA LEU A 210 5.74 -18.35 0.31
C LEU A 210 4.40 -19.05 0.16
N LYS A 211 3.33 -18.27 0.09
CA LYS A 211 1.99 -18.80 -0.19
C LYS A 211 1.88 -18.95 -1.71
N SER A 212 2.40 -20.08 -2.20
CA SER A 212 2.74 -20.19 -3.62
C SER A 212 1.51 -20.31 -4.53
N ASP A 213 0.38 -20.79 -4.02
CA ASP A 213 -0.76 -21.00 -4.90
C ASP A 213 -1.56 -19.73 -5.17
N THR A 214 -1.48 -18.74 -4.28
CA THR A 214 -2.21 -17.48 -4.45
C THR A 214 -1.30 -16.27 -4.59
N THR A 215 0.02 -16.48 -4.65
CA THR A 215 0.97 -15.38 -4.82
C THR A 215 1.66 -15.54 -6.17
N LEU A 216 1.25 -14.72 -7.13
CA LEU A 216 1.95 -14.64 -8.40
C LEU A 216 3.34 -14.07 -8.19
N HIS A 217 4.36 -14.76 -8.69
CA HIS A 217 5.73 -14.35 -8.41
C HIS A 217 6.66 -14.80 -9.51
N HIS A 218 7.85 -14.19 -9.52
CA HIS A 218 8.89 -14.52 -10.50
C HIS A 218 10.23 -14.05 -9.95
N VAL A 219 11.30 -14.53 -10.56
CA VAL A 219 12.66 -14.13 -10.24
C VAL A 219 13.17 -13.28 -11.40
N VAL A 220 13.55 -12.04 -11.09
CA VAL A 220 14.06 -11.13 -12.12
C VAL A 220 15.25 -11.76 -12.81
N PRO A 221 15.34 -11.70 -14.16
CA PRO A 221 16.42 -12.39 -14.85
C PRO A 221 17.81 -11.91 -14.42
N ILE A 222 18.77 -12.82 -14.51
CA ILE A 222 20.16 -12.52 -14.18
C ILE A 222 20.72 -11.55 -15.22
N GLN A 223 21.42 -10.52 -14.74
CA GLN A 223 22.02 -9.52 -15.63
C GLN A 223 23.50 -9.73 -15.88
N GLN A 224 24.20 -10.44 -14.99
CA GLN A 224 25.63 -10.64 -15.11
C GLN A 224 25.98 -11.97 -14.47
N GLU A 225 27.01 -12.63 -15.02
CA GLU A 225 27.43 -13.95 -14.56
C GLU A 225 27.58 -13.99 -13.05
N THR A 226 26.85 -14.91 -12.43
CA THR A 226 26.80 -15.01 -10.97
C THR A 226 26.41 -16.44 -10.60
N THR A 227 26.03 -16.65 -9.35
CA THR A 227 25.54 -17.94 -8.86
C THR A 227 24.38 -17.67 -7.92
N ARG A 228 23.18 -18.10 -8.32
CA ARG A 228 22.00 -18.01 -7.48
C ARG A 228 21.39 -19.40 -7.37
N ILE A 229 21.43 -19.98 -6.18
CA ILE A 229 21.00 -21.36 -5.95
C ILE A 229 19.95 -21.34 -4.84
N ILE A 230 18.82 -22.01 -5.08
CA ILE A 230 17.75 -22.10 -4.09
C ILE A 230 17.28 -23.54 -4.00
N LEU A 231 16.75 -23.90 -2.84
CA LEU A 231 16.02 -25.14 -2.64
C LEU A 231 14.55 -24.79 -2.42
N ASN A 232 13.66 -25.52 -3.10
CA ASN A 232 12.22 -25.33 -2.97
C ASN A 232 11.64 -26.58 -2.32
N THR A 233 11.15 -26.44 -1.09
CA THR A 233 10.37 -27.48 -0.42
C THR A 233 8.92 -27.04 -0.39
N CYS A 234 8.03 -27.90 -0.91
CA CYS A 234 6.64 -27.53 -1.14
C CYS A 234 5.72 -28.53 -0.47
N TRP A 235 4.78 -28.03 0.35
CA TRP A 235 3.82 -28.86 1.03
C TRP A 235 2.40 -28.52 0.59
N ALA A 236 1.55 -29.53 0.57
CA ALA A 236 0.13 -29.34 0.35
C ALA A 236 -0.57 -29.05 1.67
N SER A 237 -1.85 -28.70 1.58
CA SER A 237 -2.70 -28.62 2.75
C SER A 237 -3.24 -30.00 3.10
N ALA A 238 -3.23 -30.33 4.39
CA ALA A 238 -3.78 -31.61 4.81
C ALA A 238 -5.28 -31.71 4.53
N HIS A 239 -5.94 -30.59 4.30
CA HIS A 239 -7.36 -30.56 3.98
C HIS A 239 -7.61 -30.28 2.49
N ASP A 240 -6.59 -30.48 1.66
CA ASP A 240 -6.76 -30.37 0.22
C ASP A 240 -7.71 -31.44 -0.29
N ARG A 241 -8.83 -31.01 -0.85
CA ARG A 241 -9.83 -31.92 -1.40
C ARG A 241 -9.84 -31.94 -2.92
N ARG A 242 -8.68 -31.66 -3.53
CA ARG A 242 -8.55 -31.66 -4.98
C ARG A 242 -8.07 -33.03 -5.45
N THR A 243 -8.74 -33.57 -6.47
CA THR A 243 -8.38 -34.85 -7.06
C THR A 243 -7.67 -34.72 -8.39
N ASP A 244 -7.88 -33.61 -9.12
CA ASP A 244 -7.37 -33.48 -10.48
C ASP A 244 -6.31 -32.38 -10.60
N VAL A 245 -5.25 -32.47 -9.80
CA VAL A 245 -4.15 -31.52 -9.90
C VAL A 245 -3.23 -31.95 -11.03
N ALA A 246 -3.04 -31.07 -12.01
CA ALA A 246 -2.11 -31.32 -13.10
C ALA A 246 -0.73 -30.79 -12.75
N HIS A 247 0.30 -31.43 -13.28
CA HIS A 247 1.68 -31.11 -12.96
C HIS A 247 2.49 -30.79 -14.21
N GLU A 248 1.87 -30.11 -15.18
CA GLU A 248 2.51 -29.86 -16.46
C GLU A 248 3.75 -28.98 -16.31
N SER A 249 3.76 -28.07 -15.34
CA SER A 249 4.92 -27.19 -15.16
C SER A 249 6.11 -27.97 -14.61
N ILE A 250 5.87 -28.85 -13.64
CA ILE A 250 6.95 -29.66 -13.09
C ILE A 250 7.50 -30.60 -14.14
N GLU A 251 6.62 -31.15 -14.99
CA GLU A 251 7.05 -32.12 -15.98
C GLU A 251 8.00 -31.50 -17.00
N VAL A 252 7.77 -30.24 -17.38
CA VAL A 252 8.56 -29.62 -18.43
C VAL A 252 9.83 -28.96 -17.92
N ILE A 253 9.85 -28.55 -16.65
CA ILE A 253 11.03 -27.87 -16.09
C ILE A 253 11.97 -28.90 -15.45
N TRP A 254 11.45 -29.68 -14.51
CA TRP A 254 12.27 -30.59 -13.73
C TRP A 254 12.15 -32.06 -14.16
N ASP A 255 11.06 -32.43 -14.83
CA ASP A 255 10.74 -33.82 -15.16
C ASP A 255 10.41 -34.60 -13.90
N THR A 256 9.82 -35.80 -14.07
CA THR A 256 9.35 -36.59 -12.95
C THR A 256 10.22 -37.81 -12.64
N LYS A 257 11.16 -38.15 -13.53
CA LYS A 257 12.09 -39.24 -13.30
C LYS A 257 13.51 -38.70 -13.25
N ALA A 258 14.39 -39.46 -12.58
CA ALA A 258 15.80 -39.10 -12.53
C ALA A 258 16.38 -39.09 -13.95
N ARG A 259 16.89 -37.93 -14.36
CA ARG A 259 17.39 -37.76 -15.72
C ARG A 259 18.87 -38.13 -15.82
N LEU B 8 -4.45 33.37 -34.96
CA LEU B 8 -5.86 33.44 -34.60
C LEU B 8 -6.39 32.07 -34.21
N VAL B 9 -5.86 31.03 -34.85
CA VAL B 9 -6.29 29.67 -34.56
C VAL B 9 -5.90 29.28 -33.14
N ILE B 10 -4.66 29.61 -32.73
CA ILE B 10 -4.22 29.34 -31.37
C ILE B 10 -4.99 30.20 -30.37
N GLU B 11 -5.35 31.42 -30.75
CA GLU B 11 -6.10 32.28 -29.83
C GLU B 11 -7.48 31.70 -29.55
N VAL B 12 -8.13 31.13 -30.56
CA VAL B 12 -9.43 30.50 -30.35
C VAL B 12 -9.26 29.22 -29.51
N MET B 13 -8.19 28.46 -29.76
CA MET B 13 -7.94 27.26 -28.98
C MET B 13 -7.70 27.58 -27.52
N GLU B 14 -6.95 28.65 -27.24
CA GLU B 14 -6.68 29.03 -25.86
C GLU B 14 -7.96 29.38 -25.12
N GLN B 15 -8.89 30.05 -25.80
CA GLN B 15 -10.18 30.34 -25.18
C GLN B 15 -10.94 29.05 -24.86
N GLN B 16 -10.89 28.07 -25.76
CA GLN B 16 -11.57 26.80 -25.51
C GLN B 16 -10.88 26.03 -24.40
N LEU B 17 -9.54 26.12 -24.32
CA LEU B 17 -8.81 25.45 -23.26
C LEU B 17 -9.14 26.06 -21.89
N ALA B 18 -9.16 27.39 -21.81
CA ALA B 18 -9.43 28.06 -20.54
C ALA B 18 -10.81 27.67 -20.00
N LYS B 19 -11.81 27.64 -20.88
CA LYS B 19 -13.15 27.23 -20.45
C LYS B 19 -13.17 25.77 -20.04
N HIS B 20 -12.43 24.91 -20.75
CA HIS B 20 -12.40 23.49 -20.42
C HIS B 20 -11.77 23.26 -19.04
N PHE B 21 -10.63 23.89 -18.78
CA PHE B 21 -9.96 23.70 -17.49
C PHE B 21 -10.73 24.36 -16.35
N GLN B 22 -11.39 25.49 -16.61
CA GLN B 22 -12.18 26.13 -15.56
C GLN B 22 -13.35 25.24 -15.14
N ALA B 23 -13.94 24.51 -16.08
CA ALA B 23 -15.02 23.60 -15.74
C ALA B 23 -14.55 22.47 -14.84
N ILE B 24 -13.31 22.01 -15.02
CA ILE B 24 -12.76 20.98 -14.14
C ILE B 24 -12.43 21.56 -12.78
N LEU B 25 -11.82 22.75 -12.75
CA LEU B 25 -11.42 23.37 -11.50
C LEU B 25 -12.61 23.78 -10.63
N GLN B 26 -13.80 23.92 -11.21
CA GLN B 26 -14.96 24.35 -10.44
C GLN B 26 -15.34 23.34 -9.36
N ASP B 27 -15.06 22.06 -9.59
CA ASP B 27 -15.31 21.02 -8.58
C ASP B 27 -14.08 20.91 -7.70
N GLU B 28 -14.02 21.76 -6.66
CA GLU B 28 -12.84 21.80 -5.80
C GLU B 28 -12.68 20.51 -5.02
N ASN B 29 -13.78 19.91 -4.56
CA ASN B 29 -13.68 18.65 -3.82
C ASN B 29 -13.08 17.55 -4.67
N ARG B 30 -13.41 17.53 -5.97
CA ARG B 30 -12.79 16.57 -6.87
CA ARG B 30 -12.79 16.57 -6.87
C ARG B 30 -11.32 16.91 -7.10
N MET B 31 -11.00 18.21 -7.18
CA MET B 31 -9.62 18.63 -7.39
C MET B 31 -8.73 18.20 -6.22
N LYS B 32 -9.27 18.24 -4.99
CA LYS B 32 -8.52 17.80 -3.83
C LYS B 32 -8.06 16.35 -3.98
N GLN B 33 -8.92 15.49 -4.52
CA GLN B 33 -8.54 14.10 -4.73
C GLN B 33 -7.56 13.95 -5.88
N ILE B 34 -7.68 14.78 -6.92
CA ILE B 34 -6.74 14.73 -8.03
C ILE B 34 -5.35 15.14 -7.56
N ARG B 35 -5.26 16.25 -6.82
CA ARG B 35 -3.98 16.65 -6.24
C ARG B 35 -3.45 15.58 -5.29
N ASN B 36 -4.34 14.99 -4.48
CA ASN B 36 -3.96 13.90 -3.59
C ASN B 36 -3.32 12.76 -4.38
N GLU B 37 -4.02 12.27 -5.41
CA GLU B 37 -3.52 11.12 -6.16
C GLU B 37 -2.24 11.43 -6.90
N PHE B 38 -2.16 12.64 -7.50
CA PHE B 38 -0.95 12.99 -8.23
C PHE B 38 0.27 13.10 -7.31
N ARG B 39 0.08 13.68 -6.12
CA ARG B 39 1.21 13.83 -5.20
CA ARG B 39 1.19 13.83 -5.19
C ARG B 39 1.56 12.52 -4.53
N ARG B 40 0.56 11.70 -4.17
CA ARG B 40 0.84 10.43 -3.51
C ARG B 40 1.48 9.43 -4.46
N ASP B 41 0.96 9.32 -5.68
CA ASP B 41 1.43 8.32 -6.64
C ASP B 41 2.40 8.88 -7.67
N GLY B 42 2.64 10.19 -7.69
CA GLY B 42 3.45 10.76 -8.75
C GLY B 42 2.83 10.63 -10.12
N TYR B 43 1.52 10.41 -10.19
CA TYR B 43 0.86 9.99 -11.42
C TYR B 43 -0.63 10.26 -11.31
N PHE B 44 -1.22 10.73 -12.42
CA PHE B 44 -2.67 10.83 -12.52
C PHE B 44 -3.04 10.77 -14.00
N ASN B 45 -4.02 9.94 -14.33
CA ASN B 45 -4.40 9.67 -15.72
C ASN B 45 -5.72 10.36 -16.02
N PHE B 46 -5.71 11.23 -17.03
CA PHE B 46 -6.94 11.78 -17.59
C PHE B 46 -7.38 10.83 -18.70
N LYS B 47 -8.30 9.93 -18.38
CA LYS B 47 -8.66 8.86 -19.29
C LYS B 47 -9.72 9.31 -20.30
N ASN B 48 -9.70 8.67 -21.46
CA ASN B 48 -10.80 8.72 -22.43
C ASN B 48 -11.07 10.14 -22.91
N PHE B 49 -10.03 10.76 -23.48
CA PHE B 49 -10.15 12.06 -24.15
C PHE B 49 -10.74 13.12 -23.24
N SER B 50 -10.29 13.16 -21.99
CA SER B 50 -10.84 14.10 -21.01
C SER B 50 -9.92 15.26 -20.67
N PHE B 51 -8.62 15.17 -20.97
CA PHE B 51 -7.69 16.23 -20.61
C PHE B 51 -7.97 17.50 -21.39
N LEU B 52 -8.19 17.38 -22.70
CA LEU B 52 -8.52 18.50 -23.56
C LEU B 52 -9.87 18.27 -24.22
N PRO B 53 -10.47 19.28 -24.86
CA PRO B 53 -11.59 19.01 -25.76
C PRO B 53 -11.18 17.96 -26.79
N LYS B 54 -12.09 17.02 -27.07
CA LYS B 54 -11.74 15.85 -27.87
C LYS B 54 -11.24 16.25 -29.25
N ARG B 55 -11.81 17.31 -29.84
CA ARG B 55 -11.38 17.74 -31.16
C ARG B 55 -9.93 18.18 -31.17
N ILE B 56 -9.51 18.95 -30.16
CA ILE B 56 -8.13 19.39 -30.08
C ILE B 56 -7.20 18.22 -29.81
N LEU B 57 -7.63 17.28 -28.95
CA LEU B 57 -6.84 16.09 -28.67
C LEU B 57 -6.59 15.28 -29.94
N GLU B 58 -7.62 15.10 -30.76
CA GLU B 58 -7.45 14.37 -32.02
C GLU B 58 -6.55 15.13 -32.98
N ASN B 59 -6.56 16.47 -32.93
CA ASN B 59 -5.62 17.24 -33.72
C ASN B 59 -4.19 16.96 -33.30
N VAL B 60 -3.97 16.78 -31.99
CA VAL B 60 -2.64 16.42 -31.51
C VAL B 60 -2.24 15.03 -32.00
N HIS B 61 -3.18 14.08 -31.97
CA HIS B 61 -2.89 12.74 -32.44
C HIS B 61 -2.48 12.74 -33.91
N ALA B 62 -3.20 13.49 -34.75
CA ALA B 62 -2.85 13.57 -36.15
C ALA B 62 -1.50 14.24 -36.35
N GLU B 63 -1.17 15.25 -35.54
CA GLU B 63 0.11 15.92 -35.67
C GLU B 63 1.26 15.00 -35.33
N VAL B 64 1.12 14.21 -34.26
CA VAL B 64 2.18 13.27 -33.88
C VAL B 64 2.40 12.24 -34.98
N HIS B 65 1.31 11.72 -35.55
CA HIS B 65 1.44 10.77 -36.65
C HIS B 65 2.17 11.39 -37.84
N ALA B 66 1.83 12.64 -38.17
CA ALA B 66 2.49 13.31 -39.29
C ALA B 66 3.96 13.57 -38.99
N LEU B 67 4.29 13.92 -37.74
CA LEU B 67 5.68 14.16 -37.37
C LEU B 67 6.50 12.88 -37.45
N LEU B 68 5.91 11.75 -37.06
CA LEU B 68 6.62 10.48 -37.18
C LEU B 68 6.81 10.10 -38.65
N ASP B 69 5.80 10.33 -39.48
CA ASP B 69 5.92 10.04 -40.91
C ASP B 69 7.05 10.84 -41.55
N GLU B 70 7.36 12.02 -41.01
CA GLU B 70 8.35 12.91 -41.58
C GLU B 70 9.73 12.81 -40.93
N TYR B 71 9.79 12.55 -39.61
CA TYR B 71 11.04 12.68 -38.86
C TYR B 71 11.45 11.43 -38.10
N SER B 72 10.80 10.29 -38.34
CA SER B 72 11.06 9.10 -37.52
C SER B 72 12.52 8.65 -37.66
N VAL B 73 13.17 8.44 -36.52
CA VAL B 73 14.55 7.96 -36.45
C VAL B 73 14.60 6.79 -35.48
N ARG B 74 15.18 5.68 -35.92
CA ARG B 74 15.30 4.50 -35.07
C ARG B 74 16.52 4.63 -34.16
N ARG B 75 16.32 4.33 -32.88
N ARG B 75 16.33 4.32 -32.88
CA ARG B 75 17.40 4.41 -31.89
CA ARG B 75 17.39 4.41 -31.89
C ARG B 75 17.40 3.15 -31.03
C ARG B 75 17.40 3.17 -31.01
N ASP B 76 18.60 2.64 -30.75
CA ASP B 76 18.79 1.46 -29.91
C ASP B 76 20.05 1.72 -29.08
N VAL B 77 19.88 2.35 -27.93
CA VAL B 77 21.00 2.80 -27.11
C VAL B 77 20.76 2.42 -25.66
N THR B 78 21.82 2.55 -24.86
CA THR B 78 21.75 2.47 -23.41
C THR B 78 22.14 3.81 -22.83
N VAL B 79 21.61 4.12 -21.65
CA VAL B 79 21.79 5.41 -21.00
C VAL B 79 22.63 5.19 -19.75
N PRO B 80 23.91 5.57 -19.75
CA PRO B 80 24.74 5.31 -18.56
C PRO B 80 24.27 6.04 -17.32
N SER B 81 23.56 7.16 -17.45
CA SER B 81 23.09 7.89 -16.29
C SER B 81 21.88 7.24 -15.63
N THR B 82 21.24 6.26 -16.28
CA THR B 82 20.14 5.54 -15.67
C THR B 82 20.49 4.06 -15.53
N GLY B 83 21.68 3.77 -15.01
CA GLY B 83 22.10 2.39 -14.81
C GLY B 83 22.21 1.58 -16.08
N ASN B 84 22.49 2.24 -17.22
CA ASN B 84 22.65 1.57 -18.51
C ASN B 84 21.39 0.87 -18.96
N THR B 85 20.22 1.44 -18.64
CA THR B 85 18.98 0.87 -19.12
C THR B 85 18.78 1.18 -20.60
N TYR B 86 17.94 0.39 -21.24
CA TYR B 86 17.81 0.40 -22.69
C TYR B 86 16.80 1.44 -23.17
N ARG B 87 17.04 1.94 -24.37
CA ARG B 87 16.06 2.76 -25.11
C ARG B 87 16.05 2.24 -26.54
N LYS B 88 14.98 1.52 -26.90
CA LYS B 88 14.84 0.92 -28.22
C LYS B 88 13.50 1.39 -28.78
N MET B 89 13.56 2.27 -29.77
CA MET B 89 12.36 3.01 -30.18
C MET B 89 12.64 3.74 -31.49
N TYR B 90 11.56 4.20 -32.11
CA TYR B 90 11.59 5.29 -33.06
C TYR B 90 11.19 6.56 -32.34
N ASN B 91 11.80 7.68 -32.69
CA ASN B 91 11.51 8.91 -31.97
C ASN B 91 11.60 10.12 -32.89
N VAL B 92 11.04 11.22 -32.41
CA VAL B 92 11.13 12.54 -33.04
C VAL B 92 11.51 13.52 -31.96
N ASN B 93 12.57 14.31 -32.19
CA ASN B 93 13.10 15.15 -31.14
C ASN B 93 12.44 16.54 -31.16
N GLN B 94 12.84 17.37 -30.21
CA GLN B 94 12.22 18.69 -30.07
C GLN B 94 12.46 19.59 -31.28
N PRO B 95 13.68 19.73 -31.81
CA PRO B 95 13.84 20.60 -33.00
C PRO B 95 13.02 20.13 -34.19
N GLU B 96 12.84 18.83 -34.36
CA GLU B 96 12.01 18.33 -35.45
C GLU B 96 10.55 18.67 -35.23
N ILE B 97 10.06 18.55 -33.99
CA ILE B 97 8.67 18.90 -33.70
C ILE B 97 8.47 20.41 -33.80
N ALA B 98 9.44 21.20 -33.34
CA ALA B 98 9.32 22.65 -33.45
C ALA B 98 9.34 23.11 -34.90
N GLU B 99 9.90 22.30 -35.80
CA GLU B 99 9.99 22.69 -37.20
C GLU B 99 8.70 22.36 -37.96
N GLY B 100 8.12 21.18 -37.69
CA GLY B 100 6.95 20.75 -38.44
C GLY B 100 5.64 20.83 -37.68
N GLY B 101 5.71 21.02 -36.35
CA GLY B 101 4.53 21.02 -35.54
C GLY B 101 3.84 22.37 -35.48
N THR B 102 2.55 22.34 -35.10
CA THR B 102 1.76 23.55 -34.93
C THR B 102 1.00 23.52 -33.60
N PHE B 103 0.20 22.48 -33.39
CA PHE B 103 -0.60 22.39 -32.17
C PHE B 103 0.27 22.10 -30.95
N ILE B 104 1.28 21.24 -31.10
CA ILE B 104 2.10 20.80 -29.98
C ILE B 104 2.91 21.96 -29.42
N PRO B 105 3.64 22.75 -30.24
CA PRO B 105 4.34 23.91 -29.66
C PRO B 105 3.39 24.94 -29.05
N ALA B 106 2.20 25.12 -29.65
CA ALA B 106 1.25 26.06 -29.08
C ALA B 106 0.71 25.57 -27.74
N LEU B 107 0.40 24.28 -27.64
CA LEU B 107 -0.11 23.74 -26.38
C LEU B 107 0.94 23.82 -25.28
N TYR B 108 2.22 23.66 -25.63
CA TYR B 108 3.27 23.74 -24.62
C TYR B 108 3.32 25.10 -23.96
N GLN B 109 3.02 26.17 -24.69
N GLN B 109 3.01 26.17 -24.70
CA GLN B 109 3.02 27.52 -24.16
CA GLN B 109 3.03 27.53 -24.17
C GLN B 109 1.65 28.00 -23.73
C GLN B 109 1.66 27.98 -23.67
N SER B 110 0.67 27.10 -23.67
CA SER B 110 -0.69 27.48 -23.27
C SER B 110 -0.70 27.88 -21.80
N GLU B 111 -1.12 29.12 -21.52
CA GLU B 111 -1.14 29.61 -20.15
C GLU B 111 -2.18 28.85 -19.31
N SER B 112 -3.37 28.61 -19.88
CA SER B 112 -4.40 27.91 -19.12
C SER B 112 -3.98 26.47 -18.83
N LEU B 113 -3.29 25.82 -19.78
CA LEU B 113 -2.81 24.47 -19.55
C LEU B 113 -1.76 24.44 -18.45
N ARG B 114 -0.81 25.38 -18.47
CA ARG B 114 0.23 25.41 -17.46
C ARG B 114 -0.34 25.73 -16.08
N LYS B 115 -1.32 26.64 -16.01
CA LYS B 115 -1.92 26.98 -14.73
C LYS B 115 -2.74 25.82 -14.18
N PHE B 116 -3.39 25.05 -15.04
CA PHE B 116 -4.15 23.90 -14.59
C PHE B 116 -3.25 22.81 -14.02
N LEU B 117 -2.19 22.46 -14.76
CA LEU B 117 -1.23 21.48 -14.25
C LEU B 117 -0.54 21.99 -12.99
N GLY B 118 -0.23 23.28 -12.95
CA GLY B 118 0.34 23.86 -11.75
C GLY B 118 -0.61 23.83 -10.57
N ASN B 119 -1.91 23.94 -10.83
CA ASN B 119 -2.91 23.81 -9.77
C ASN B 119 -2.88 22.40 -9.17
N ILE B 120 -2.75 21.39 -10.03
CA ILE B 120 -2.69 20.01 -9.53
C ILE B 120 -1.39 19.76 -8.78
N ALA B 121 -0.27 20.19 -9.36
CA ALA B 121 1.03 19.92 -8.77
C ALA B 121 1.35 20.79 -7.57
N GLY B 122 0.64 21.91 -7.41
CA GLY B 122 0.97 22.84 -6.33
C GLY B 122 2.21 23.65 -6.60
N ASP B 123 2.43 24.05 -7.85
CA ASP B 123 3.65 24.74 -8.25
C ASP B 123 3.33 25.63 -9.44
N ASP B 124 4.32 26.40 -9.88
CA ASP B 124 4.23 27.20 -11.09
C ASP B 124 5.10 26.58 -12.16
N LEU B 125 4.51 26.34 -13.33
CA LEU B 125 5.21 25.69 -14.42
C LEU B 125 5.92 26.70 -15.30
N ALA B 126 7.08 26.31 -15.81
CA ALA B 126 7.84 27.13 -16.75
C ALA B 126 8.44 26.22 -17.81
N SER B 127 8.88 26.83 -18.90
CA SER B 127 9.53 26.07 -19.97
C SER B 127 10.84 25.48 -19.47
N CYS B 128 11.08 24.22 -19.81
CA CYS B 128 12.32 23.56 -19.44
C CYS B 128 13.38 23.85 -20.49
N TRP B 129 14.52 23.18 -20.38
CA TRP B 129 15.57 23.25 -21.40
C TRP B 129 14.98 22.97 -22.77
N GLU B 130 15.35 23.81 -23.74
CA GLU B 130 14.60 23.89 -25.00
C GLU B 130 14.45 22.54 -25.68
N GLN B 131 15.55 21.80 -25.81
CA GLN B 131 15.53 20.55 -26.57
C GLN B 131 14.85 19.40 -25.83
N GLU B 132 14.21 19.66 -24.70
CA GLU B 132 13.43 18.65 -23.99
C GLU B 132 11.96 19.04 -23.83
N GLN B 133 11.53 20.15 -24.43
CA GLN B 133 10.18 20.65 -24.19
C GLN B 133 9.12 19.66 -24.67
N TYR B 134 9.33 19.04 -25.83
CA TYR B 134 8.41 18.03 -26.31
C TYR B 134 9.15 17.00 -27.15
N LEU B 135 8.82 15.72 -26.92
CA LEU B 135 9.45 14.61 -27.61
C LEU B 135 8.42 13.53 -27.88
N VAL B 136 8.66 12.75 -28.94
CA VAL B 136 7.76 11.68 -29.36
C VAL B 136 8.55 10.38 -29.39
N THR B 137 7.91 9.29 -28.94
CA THR B 137 8.48 7.96 -29.01
C THR B 137 7.47 7.00 -29.62
N LYS B 138 7.97 6.01 -30.36
CA LYS B 138 7.14 4.98 -30.97
C LYS B 138 7.79 3.63 -30.72
N LEU B 139 7.07 2.75 -30.03
CA LEU B 139 7.49 1.37 -29.81
C LEU B 139 6.69 0.46 -30.71
N SER B 140 7.37 -0.45 -31.40
CA SER B 140 6.70 -1.28 -32.40
C SER B 140 7.11 -2.74 -32.32
N HIS B 141 8.40 -3.01 -32.34
CA HIS B 141 8.87 -4.37 -32.47
C HIS B 141 9.07 -5.01 -31.09
N PRO B 142 8.99 -6.34 -31.02
CA PRO B 142 9.29 -7.02 -29.75
C PRO B 142 10.69 -6.66 -29.26
N GLY B 143 10.77 -6.24 -28.01
CA GLY B 143 12.00 -5.76 -27.42
C GLY B 143 12.08 -4.25 -27.29
N ASP B 144 11.28 -3.51 -28.05
CA ASP B 144 11.24 -2.06 -27.91
C ASP B 144 10.78 -1.68 -26.51
N THR B 145 11.50 -0.75 -25.89
CA THR B 145 11.24 -0.43 -24.49
C THR B 145 11.76 0.97 -24.18
N HIS B 146 11.37 1.45 -23.01
CA HIS B 146 11.86 2.71 -22.44
C HIS B 146 12.26 2.34 -21.00
N GLY B 147 13.53 2.00 -20.82
CA GLY B 147 13.99 1.41 -19.57
C GLY B 147 13.85 2.35 -18.39
N TRP B 148 14.16 1.80 -17.20
CA TRP B 148 14.05 2.53 -15.95
C TRP B 148 14.82 3.84 -16.01
N HIS B 149 14.19 4.92 -15.58
CA HIS B 149 14.80 6.24 -15.66
C HIS B 149 14.00 7.21 -14.81
N TRP B 150 14.57 8.40 -14.63
CA TRP B 150 13.88 9.57 -14.13
C TRP B 150 13.93 10.66 -15.18
N GLY B 151 13.22 11.75 -14.93
CA GLY B 151 13.29 12.95 -15.74
C GLY B 151 14.12 14.02 -15.06
N ASP B 152 14.79 14.85 -15.88
CA ASP B 152 15.52 15.98 -15.34
C ASP B 152 14.59 17.07 -14.81
N TYR B 153 13.33 17.07 -15.22
CA TYR B 153 12.39 18.10 -14.85
C TYR B 153 11.13 17.48 -14.27
N PRO B 154 10.43 18.20 -13.40
CA PRO B 154 9.41 17.54 -12.55
C PRO B 154 8.05 17.28 -13.19
N TYR B 155 7.64 18.08 -14.17
CA TYR B 155 6.25 18.06 -14.62
C TYR B 155 6.18 17.61 -16.08
N THR B 156 5.71 16.38 -16.27
CA THR B 156 5.65 15.74 -17.57
C THR B 156 4.22 15.31 -17.87
N MET B 157 3.74 15.59 -19.08
CA MET B 157 2.47 15.11 -19.56
C MET B 157 2.73 14.12 -20.69
N ILE B 158 2.19 12.91 -20.57
CA ILE B 158 2.36 11.86 -21.57
C ILE B 158 1.02 11.68 -22.28
N TRP B 159 1.03 11.92 -23.59
CA TRP B 159 -0.17 11.86 -24.42
C TRP B 159 -0.16 10.55 -25.18
N ILE B 160 -1.11 9.67 -24.87
CA ILE B 160 -1.18 8.36 -25.51
C ILE B 160 -1.82 8.53 -26.89
N ILE B 161 -1.02 8.42 -27.94
CA ILE B 161 -1.50 8.57 -29.30
C ILE B 161 -2.00 7.25 -29.86
N GLU B 162 -1.20 6.19 -29.72
CA GLU B 162 -1.59 4.84 -30.07
C GLU B 162 -1.09 3.89 -28.99
N ALA B 163 -1.87 2.83 -28.74
CA ALA B 163 -1.50 1.87 -27.72
C ALA B 163 -2.26 0.57 -27.95
N PRO B 164 -1.63 -0.58 -27.76
CA PRO B 164 -2.39 -1.84 -27.86
C PRO B 164 -3.37 -1.96 -26.70
N GLU B 165 -4.56 -2.46 -27.01
CA GLU B 165 -5.59 -2.59 -25.98
C GLU B 165 -5.30 -3.74 -25.03
N ASP B 166 -4.57 -4.75 -25.49
CA ASP B 166 -4.21 -5.88 -24.64
C ASP B 166 -2.90 -5.58 -23.93
N PRO B 167 -2.89 -5.47 -22.60
CA PRO B 167 -1.61 -5.21 -21.91
C PRO B 167 -0.60 -6.33 -22.06
N ALA B 168 -1.03 -7.53 -22.45
CA ALA B 168 -0.09 -8.62 -22.68
C ALA B 168 0.86 -8.34 -23.83
N ILE B 169 0.47 -7.45 -24.75
CA ILE B 169 1.37 -7.09 -25.84
C ILE B 169 2.54 -6.26 -25.34
N GLY B 170 2.41 -5.64 -24.18
CA GLY B 170 3.48 -4.85 -23.59
C GLY B 170 3.11 -3.39 -23.52
N GLY B 171 4.09 -2.58 -23.12
CA GLY B 171 3.89 -1.16 -22.99
C GLY B 171 3.32 -0.69 -21.67
N VAL B 172 3.24 -1.57 -20.67
CA VAL B 172 2.73 -1.18 -19.37
C VAL B 172 3.71 -0.23 -18.68
N LEU B 173 3.18 0.82 -18.07
CA LEU B 173 3.99 1.76 -17.31
C LEU B 173 4.03 1.33 -15.84
N GLN B 174 5.23 1.31 -15.26
CA GLN B 174 5.41 1.00 -13.86
C GLN B 174 6.13 2.16 -13.19
N CYS B 175 5.74 2.46 -11.95
CA CYS B 175 6.19 3.68 -11.29
C CYS B 175 6.60 3.41 -9.85
N VAL B 176 7.63 4.11 -9.40
CA VAL B 176 8.03 4.14 -7.99
C VAL B 176 8.16 5.61 -7.59
N PRO B 177 7.16 6.20 -6.95
CA PRO B 177 7.22 7.63 -6.62
C PRO B 177 8.09 7.88 -5.39
N HIS B 178 8.38 9.17 -5.19
CA HIS B 178 9.12 9.64 -4.02
C HIS B 178 10.54 9.08 -3.98
N SER B 179 11.13 8.93 -5.15
CA SER B 179 12.56 8.67 -5.32
C SER B 179 13.23 9.94 -5.85
N GLU B 180 14.46 9.81 -6.32
CA GLU B 180 15.12 10.89 -7.04
C GLU B 180 16.27 10.31 -7.85
N TRP B 181 16.82 11.14 -8.74
CA TRP B 181 17.77 10.71 -9.75
C TRP B 181 19.19 11.10 -9.34
N ASP B 182 19.98 10.11 -8.95
CA ASP B 182 21.42 10.28 -8.73
C ASP B 182 22.11 9.66 -9.95
N LYS B 183 22.60 10.53 -10.85
CA LYS B 183 23.12 10.05 -12.13
C LYS B 183 24.40 9.23 -11.96
N GLN B 184 25.16 9.45 -10.90
CA GLN B 184 26.37 8.68 -10.65
C GLN B 184 26.12 7.43 -9.82
N ASN B 185 24.98 7.35 -9.12
CA ASN B 185 24.66 6.23 -8.25
C ASN B 185 23.15 6.09 -8.18
N PRO B 186 22.52 5.58 -9.24
CA PRO B 186 21.05 5.64 -9.32
C PRO B 186 20.34 4.78 -8.30
N GLN B 187 20.91 3.65 -7.90
CA GLN B 187 20.29 2.76 -6.92
C GLN B 187 18.88 2.37 -7.34
N ILE B 188 18.72 2.04 -8.63
CA ILE B 188 17.40 1.76 -9.19
C ILE B 188 16.76 0.57 -8.49
N TRP B 189 17.54 -0.51 -8.33
CA TRP B 189 16.98 -1.70 -7.71
C TRP B 189 16.67 -1.49 -6.23
N GLN B 190 17.42 -0.61 -5.57
CA GLN B 190 17.16 -0.35 -4.15
C GLN B 190 15.83 0.37 -3.97
N TYR B 191 15.49 1.29 -4.88
CA TYR B 191 14.19 1.94 -4.81
C TYR B 191 13.06 0.96 -5.06
N ILE B 192 13.29 -0.02 -5.95
CA ILE B 192 12.28 -1.03 -6.24
C ILE B 192 12.07 -1.93 -5.03
N LEU B 193 13.15 -2.27 -4.33
CA LEU B 193 13.05 -3.16 -3.18
C LEU B 193 12.39 -2.48 -1.98
N ASN B 194 12.49 -1.15 -1.90
CA ASN B 194 12.01 -0.40 -0.73
CA ASN B 194 12.01 -0.40 -0.73
C ASN B 194 10.63 0.21 -0.94
N ASN B 195 10.01 -0.01 -2.09
CA ASN B 195 8.72 0.59 -2.39
C ASN B 195 7.87 -0.41 -3.16
N PRO B 196 6.54 -0.27 -3.10
CA PRO B 196 5.68 -1.03 -4.01
C PRO B 196 5.70 -0.41 -5.41
N ILE B 197 5.58 -1.27 -6.41
CA ILE B 197 5.52 -0.84 -7.80
C ILE B 197 4.06 -0.82 -8.23
N LYS B 198 3.62 0.32 -8.76
CA LYS B 198 2.31 0.44 -9.35
C LYS B 198 2.42 0.40 -10.86
N SER B 199 1.54 -0.38 -11.49
CA SER B 199 1.57 -0.59 -12.93
C SER B 199 0.30 -0.02 -13.55
N TYR B 200 0.44 0.57 -14.74
CA TYR B 200 -0.67 1.24 -15.40
C TYR B 200 -0.69 0.87 -16.87
N HIS B 201 -1.88 0.63 -17.40
CA HIS B 201 -2.10 0.42 -18.82
C HIS B 201 -2.87 1.61 -19.38
N HIS B 202 -2.55 1.99 -20.61
CA HIS B 202 -3.11 3.19 -21.21
C HIS B 202 -3.66 2.87 -22.60
N LEU B 203 -4.71 3.59 -22.96
CA LEU B 203 -5.34 3.48 -24.26
C LEU B 203 -5.24 4.80 -25.00
N LYS B 204 -5.39 4.73 -26.33
CA LYS B 204 -5.42 5.92 -27.16
C LYS B 204 -6.45 6.92 -26.64
N GLY B 205 -6.01 8.17 -26.47
CA GLY B 205 -6.84 9.21 -25.89
C GLY B 205 -6.53 9.52 -24.45
N ASP B 206 -5.84 8.63 -23.75
CA ASP B 206 -5.39 8.92 -22.40
C ASP B 206 -4.28 9.97 -22.41
N VAL B 207 -4.29 10.82 -21.39
CA VAL B 207 -3.21 11.78 -21.14
C VAL B 207 -2.97 11.79 -19.63
N TYR B 208 -1.77 11.41 -19.21
CA TYR B 208 -1.50 11.33 -17.79
C TYR B 208 -0.40 12.29 -17.36
N PHE B 209 -0.54 12.80 -16.15
CA PHE B 209 0.40 13.72 -15.53
C PHE B 209 1.39 12.90 -14.71
N LEU B 210 2.69 13.17 -14.88
CA LEU B 210 3.73 12.39 -14.25
C LEU B 210 4.72 13.31 -13.56
N LYS B 211 4.99 13.05 -12.27
CA LYS B 211 6.01 13.76 -11.53
C LYS B 211 7.36 13.10 -11.84
N SER B 212 7.93 13.51 -12.97
CA SER B 212 8.97 12.73 -13.62
C SER B 212 10.31 12.77 -12.89
N ASP B 213 10.58 13.81 -12.09
CA ASP B 213 11.89 13.90 -11.45
C ASP B 213 11.99 13.07 -10.17
N THR B 214 10.86 12.75 -9.53
CA THR B 214 10.87 11.95 -8.31
C THR B 214 10.13 10.62 -8.46
N THR B 215 9.68 10.29 -9.66
CA THR B 215 8.99 9.01 -9.91
C THR B 215 9.85 8.20 -10.87
N LEU B 216 10.55 7.20 -10.32
CA LEU B 216 11.24 6.23 -11.15
C LEU B 216 10.23 5.41 -11.94
N HIS B 217 10.42 5.34 -13.26
CA HIS B 217 9.42 4.70 -14.11
C HIS B 217 10.07 4.13 -15.36
N HIS B 218 9.33 3.26 -16.02
CA HIS B 218 9.77 2.64 -17.27
C HIS B 218 8.55 2.08 -17.99
N VAL B 219 8.75 1.76 -19.27
CA VAL B 219 7.72 1.14 -20.10
C VAL B 219 8.14 -0.31 -20.32
N VAL B 220 7.28 -1.24 -19.90
CA VAL B 220 7.56 -2.67 -20.06
C VAL B 220 7.81 -2.97 -21.53
N PRO B 221 8.85 -3.75 -21.88
CA PRO B 221 9.17 -3.96 -23.30
C PRO B 221 8.01 -4.57 -24.07
N ILE B 222 7.98 -4.23 -25.36
CA ILE B 222 6.95 -4.76 -26.26
C ILE B 222 7.15 -6.25 -26.44
N GLN B 223 6.07 -7.01 -26.34
CA GLN B 223 6.13 -8.47 -26.48
C GLN B 223 5.73 -8.96 -27.85
N GLN B 224 4.97 -8.17 -28.61
CA GLN B 224 4.47 -8.59 -29.92
C GLN B 224 4.31 -7.36 -30.79
N GLU B 225 4.55 -7.53 -32.09
CA GLU B 225 4.50 -6.44 -33.05
C GLU B 225 3.22 -5.63 -32.88
N THR B 226 3.36 -4.33 -32.63
CA THR B 226 2.24 -3.45 -32.34
C THR B 226 2.64 -2.03 -32.68
N THR B 227 1.85 -1.06 -32.19
CA THR B 227 2.15 0.35 -32.36
C THR B 227 1.79 1.06 -31.07
N ARG B 228 2.80 1.59 -30.37
CA ARG B 228 2.60 2.38 -29.17
C ARG B 228 3.31 3.71 -29.37
N ILE B 229 2.53 4.79 -29.46
CA ILE B 229 3.05 6.12 -29.75
C ILE B 229 2.61 7.05 -28.64
N ILE B 230 3.56 7.82 -28.09
CA ILE B 230 3.27 8.78 -27.04
C ILE B 230 3.92 10.11 -27.38
N LEU B 231 3.33 11.19 -26.87
CA LEU B 231 3.93 12.51 -26.89
C LEU B 231 4.30 12.88 -25.46
N ASN B 232 5.52 13.40 -25.28
CA ASN B 232 6.01 13.83 -23.99
C ASN B 232 6.17 15.35 -24.04
N THR B 233 5.36 16.06 -23.27
CA THR B 233 5.54 17.49 -23.03
C THR B 233 6.04 17.66 -21.60
N CYS B 234 7.18 18.34 -21.46
CA CYS B 234 7.88 18.41 -20.18
C CYS B 234 8.13 19.86 -19.80
N TRP B 235 7.71 20.23 -18.59
CA TRP B 235 7.89 21.58 -18.07
C TRP B 235 8.78 21.55 -16.84
N ALA B 236 9.56 22.61 -16.67
CA ALA B 236 10.31 22.82 -15.45
C ALA B 236 9.44 23.51 -14.42
N SER B 237 9.96 23.61 -13.20
CA SER B 237 9.35 24.46 -12.19
C SER B 237 9.85 25.89 -12.35
N ALA B 238 8.93 26.85 -12.22
CA ALA B 238 9.34 28.25 -12.31
C ALA B 238 10.29 28.64 -11.19
N HIS B 239 10.35 27.85 -10.13
CA HIS B 239 11.26 28.11 -9.01
C HIS B 239 12.46 27.16 -9.00
N ASP B 240 12.74 26.54 -10.14
CA ASP B 240 13.94 25.72 -10.29
C ASP B 240 15.18 26.61 -10.20
N ARG B 241 16.04 26.33 -9.22
CA ARG B 241 17.27 27.10 -9.01
C ARG B 241 18.51 26.25 -9.19
N ARG B 242 18.41 25.18 -9.99
CA ARG B 242 19.56 24.35 -10.32
C ARG B 242 20.37 25.01 -11.42
N THR B 243 21.69 24.99 -11.25
CA THR B 243 22.59 25.60 -12.24
C THR B 243 23.27 24.60 -13.16
N ASP B 244 23.49 23.36 -12.71
CA ASP B 244 24.27 22.41 -13.49
C ASP B 244 23.45 21.20 -13.92
N VAL B 245 22.32 21.42 -14.59
CA VAL B 245 21.51 20.30 -15.08
C VAL B 245 22.12 19.77 -16.38
N ALA B 246 22.51 18.50 -16.37
CA ALA B 246 23.03 17.84 -17.56
C ALA B 246 21.90 17.17 -18.34
N HIS B 247 22.09 17.06 -19.64
CA HIS B 247 21.07 16.53 -20.55
C HIS B 247 21.62 15.34 -21.33
N GLU B 248 22.42 14.51 -20.68
CA GLU B 248 23.09 13.40 -21.36
C GLU B 248 22.08 12.38 -21.89
N SER B 249 20.95 12.20 -21.21
CA SER B 249 19.97 11.22 -21.69
C SER B 249 19.27 11.72 -22.95
N ILE B 250 18.93 13.01 -22.99
CA ILE B 250 18.29 13.57 -24.17
C ILE B 250 19.25 13.53 -25.37
N GLU B 251 20.53 13.80 -25.12
CA GLU B 251 21.51 13.86 -26.22
C GLU B 251 21.67 12.51 -26.90
N VAL B 252 21.63 11.42 -26.13
CA VAL B 252 21.89 10.09 -26.69
C VAL B 252 20.64 9.44 -27.26
N ILE B 253 19.46 9.81 -26.77
CA ILE B 253 18.22 9.18 -27.23
C ILE B 253 17.63 9.98 -28.40
N TRP B 254 17.40 11.27 -28.18
CA TRP B 254 16.72 12.12 -29.16
C TRP B 254 17.64 13.04 -29.94
N ASP B 255 18.84 13.34 -29.40
CA ASP B 255 19.75 14.34 -29.94
C ASP B 255 19.17 15.74 -29.81
N THR B 256 20.01 16.76 -29.98
CA THR B 256 19.62 18.14 -29.75
C THR B 256 19.43 18.94 -31.04
N LYS B 257 19.82 18.40 -32.18
CA LYS B 257 19.64 19.07 -33.47
C LYS B 257 18.70 18.25 -34.34
N ALA B 258 18.05 18.92 -35.28
CA ALA B 258 17.20 18.24 -36.25
C ALA B 258 18.04 17.27 -37.07
N ARG B 259 17.70 15.98 -36.98
CA ARG B 259 18.48 14.93 -37.63
C ARG B 259 18.04 14.67 -39.07
N THR B 260 17.03 15.38 -39.57
CA THR B 260 16.58 15.20 -40.94
C THR B 260 17.59 15.74 -41.94
N SER C 7 28.63 31.00 23.65
CA SER C 7 28.94 30.21 24.83
C SER C 7 29.57 28.88 24.45
N LEU C 8 30.35 28.31 25.36
CA LEU C 8 31.02 27.03 25.08
C LEU C 8 30.01 25.90 24.93
N VAL C 9 28.89 25.95 25.66
CA VAL C 9 27.91 24.87 25.59
C VAL C 9 27.30 24.79 24.19
N ILE C 10 26.92 25.93 23.62
CA ILE C 10 26.37 25.93 22.27
C ILE C 10 27.44 25.58 21.24
N GLU C 11 28.68 26.04 21.45
CA GLU C 11 29.74 25.75 20.50
C GLU C 11 30.11 24.27 20.51
N VAL C 12 30.15 23.66 21.68
CA VAL C 12 30.46 22.23 21.76
C VAL C 12 29.30 21.40 21.22
N MET C 13 28.07 21.81 21.53
CA MET C 13 26.90 21.09 21.04
C MET C 13 26.82 21.13 19.51
N GLU C 14 27.07 22.30 18.92
CA GLU C 14 27.02 22.41 17.46
C GLU C 14 28.10 21.55 16.81
N GLN C 15 29.29 21.50 17.41
CA GLN C 15 30.35 20.64 16.90
C GLN C 15 29.95 19.17 16.97
N GLN C 16 29.34 18.75 18.08
CA GLN C 16 28.92 17.37 18.22
C GLN C 16 27.79 17.02 17.25
N LEU C 17 26.89 17.98 17.01
CA LEU C 17 25.80 17.75 16.06
C LEU C 17 26.34 17.59 14.64
N ALA C 18 27.27 18.47 14.24
CA ALA C 18 27.82 18.39 12.89
C ALA C 18 28.51 17.06 12.65
N LYS C 19 29.29 16.58 13.63
CA LYS C 19 29.94 15.28 13.49
C LYS C 19 28.93 14.15 13.49
N HIS C 20 27.88 14.27 14.31
CA HIS C 20 26.86 13.22 14.38
C HIS C 20 26.10 13.11 13.07
N PHE C 21 25.64 14.25 12.53
CA PHE C 21 24.88 14.22 11.28
C PHE C 21 25.75 13.85 10.09
N GLN C 22 27.02 14.26 10.10
CA GLN C 22 27.92 13.87 9.01
C GLN C 22 28.14 12.37 8.97
N ALA C 23 28.18 11.73 10.13
CA ALA C 23 28.34 10.27 10.18
C ALA C 23 27.14 9.57 9.56
N ILE C 24 25.94 10.13 9.73
CA ILE C 24 24.76 9.55 9.11
C ILE C 24 24.75 9.82 7.61
N LEU C 25 25.11 11.05 7.22
CA LEU C 25 25.11 11.42 5.81
C LEU C 25 26.17 10.69 5.01
N GLN C 26 27.20 10.16 5.67
CA GLN C 26 28.26 9.47 4.94
C GLN C 26 27.73 8.23 4.22
N ASP C 27 26.69 7.59 4.77
CA ASP C 27 26.04 6.45 4.13
C ASP C 27 24.96 6.99 3.20
N GLU C 28 25.39 7.35 1.98
CA GLU C 28 24.47 7.96 1.02
C GLU C 28 23.37 7.00 0.60
N ASN C 29 23.72 5.71 0.42
CA ASN C 29 22.70 4.74 0.04
C ASN C 29 21.63 4.59 1.10
N ARG C 30 21.99 4.73 2.37
N ARG C 30 21.99 4.74 2.38
CA ARG C 30 20.99 4.72 3.43
CA ARG C 30 20.99 4.72 3.43
C ARG C 30 20.18 6.01 3.42
C ARG C 30 20.19 6.01 3.45
N MET C 31 20.82 7.14 3.12
CA MET C 31 20.11 8.41 3.08
C MET C 31 19.03 8.40 2.00
N LYS C 32 19.31 7.75 0.87
CA LYS C 32 18.30 7.63 -0.19
C LYS C 32 17.04 6.96 0.35
N GLN C 33 17.20 5.94 1.20
CA GLN C 33 16.04 5.27 1.77
CA GLN C 33 16.04 5.27 1.77
C GLN C 33 15.32 6.16 2.78
N ILE C 34 16.07 6.93 3.55
CA ILE C 34 15.47 7.83 4.54
C ILE C 34 14.68 8.93 3.85
N ARG C 35 15.28 9.56 2.83
CA ARG C 35 14.55 10.55 2.05
C ARG C 35 13.31 9.93 1.39
N ASN C 36 13.47 8.73 0.84
CA ASN C 36 12.34 8.00 0.25
C ASN C 36 11.20 7.85 1.26
N GLU C 37 11.50 7.29 2.43
CA GLU C 37 10.46 6.98 3.40
C GLU C 37 9.80 8.25 3.93
N PHE C 38 10.58 9.30 4.18
CA PHE C 38 9.99 10.54 4.70
C PHE C 38 9.06 11.18 3.67
N ARG C 39 9.49 11.26 2.42
CA ARG C 39 8.66 11.90 1.41
C ARG C 39 7.45 11.04 1.03
N ARG C 40 7.61 9.71 1.06
CA ARG C 40 6.49 8.83 0.72
C ARG C 40 5.45 8.80 1.83
N ASP C 41 5.90 8.71 3.09
CA ASP C 41 4.98 8.56 4.22
C ASP C 41 4.74 9.87 4.97
N GLY C 42 5.43 10.95 4.61
CA GLY C 42 5.34 12.16 5.40
C GLY C 42 5.86 12.03 6.81
N TYR C 43 6.69 11.02 7.06
CA TYR C 43 7.04 10.62 8.41
C TYR C 43 8.30 9.77 8.38
N PHE C 44 9.17 9.98 9.37
CA PHE C 44 10.33 9.11 9.59
C PHE C 44 10.73 9.22 11.05
N ASN C 45 10.92 8.07 11.70
CA ASN C 45 11.18 8.00 13.13
C ASN C 45 12.65 7.66 13.37
N PHE C 46 13.34 8.53 14.11
CA PHE C 46 14.67 8.23 14.64
C PHE C 46 14.47 7.59 16.01
N LYS C 47 14.51 6.26 16.05
CA LYS C 47 14.16 5.53 17.26
C LYS C 47 15.36 5.38 18.20
N ASN C 48 15.06 5.28 19.49
CA ASN C 48 16.00 4.81 20.50
C ASN C 48 17.24 5.71 20.60
N PHE C 49 17.00 7.00 20.86
CA PHE C 49 18.05 7.97 21.17
C PHE C 49 19.09 8.02 20.05
N SER C 50 18.65 8.02 18.79
CA SER C 50 19.55 8.01 17.66
C SER C 50 19.62 9.32 16.90
N PHE C 51 18.64 10.21 17.06
CA PHE C 51 18.62 11.44 16.28
C PHE C 51 19.78 12.36 16.67
N LEU C 52 20.03 12.52 17.96
CA LEU C 52 21.13 13.32 18.45
C LEU C 52 22.04 12.45 19.29
N PRO C 53 23.24 12.89 19.64
CA PRO C 53 23.99 12.22 20.71
C PRO C 53 23.14 12.13 21.96
N LYS C 54 23.17 10.96 22.60
CA LYS C 54 22.24 10.69 23.70
C LYS C 54 22.37 11.71 24.82
N ARG C 55 23.56 12.27 25.01
CA ARG C 55 23.75 13.31 26.02
C ARG C 55 22.89 14.52 25.73
N ILE C 56 22.93 15.02 24.50
CA ILE C 56 22.17 16.21 24.14
C ILE C 56 20.67 15.92 24.20
N LEU C 57 20.26 14.73 23.73
CA LEU C 57 18.85 14.34 23.81
C LEU C 57 18.37 14.32 25.26
N GLU C 58 19.19 13.76 26.17
CA GLU C 58 18.81 13.73 27.57
C GLU C 58 18.75 15.13 28.18
N ASN C 59 19.57 16.06 27.67
CA ASN C 59 19.47 17.44 28.11
C ASN C 59 18.14 18.07 27.68
N VAL C 60 17.65 17.70 26.49
CA VAL C 60 16.35 18.19 26.04
C VAL C 60 15.24 17.65 26.93
N HIS C 61 15.30 16.36 27.27
CA HIS C 61 14.29 15.77 28.13
C HIS C 61 14.25 16.46 29.49
N ALA C 62 15.43 16.72 30.08
CA ALA C 62 15.48 17.41 31.36
C ALA C 62 14.96 18.84 31.23
N GLU C 63 15.25 19.50 30.11
CA GLU C 63 14.80 20.87 29.92
C GLU C 63 13.28 20.93 29.78
N VAL C 64 12.70 20.00 29.03
CA VAL C 64 11.24 19.98 28.86
C VAL C 64 10.55 19.73 30.20
N HIS C 65 11.08 18.79 31.00
CA HIS C 65 10.52 18.54 32.33
C HIS C 65 10.58 19.79 33.19
N ALA C 66 11.71 20.51 33.16
CA ALA C 66 11.83 21.73 33.96
C ALA C 66 10.89 22.81 33.47
N LEU C 67 10.71 22.92 32.15
CA LEU C 67 9.79 23.92 31.60
C LEU C 67 8.34 23.60 31.97
N LEU C 68 7.98 22.32 31.99
CA LEU C 68 6.63 21.94 32.39
C LEU C 68 6.38 22.25 33.86
N ASP C 69 7.37 22.02 34.72
CA ASP C 69 7.21 22.33 36.14
C ASP C 69 6.92 23.81 36.37
N GLU C 70 7.39 24.68 35.47
CA GLU C 70 7.25 26.12 35.64
C GLU C 70 6.09 26.73 34.87
N TYR C 71 5.77 26.21 33.68
CA TYR C 71 4.87 26.90 32.77
C TYR C 71 3.66 26.05 32.34
N SER C 72 3.43 24.90 32.95
CA SER C 72 2.35 24.02 32.48
C SER C 72 1.00 24.70 32.60
N VAL C 73 0.24 24.69 31.50
CA VAL C 73 -1.10 25.25 31.45
C VAL C 73 -2.04 24.22 30.83
N ARG C 74 -3.15 23.94 31.51
CA ARG C 74 -4.13 22.97 31.02
C ARG C 74 -5.09 23.62 30.05
N ARG C 75 -5.46 22.88 29.00
CA ARG C 75 -6.36 23.41 28.00
C ARG C 75 -7.23 22.31 27.41
N ASP C 76 -8.48 22.67 27.11
CA ASP C 76 -9.48 21.76 26.55
C ASP C 76 -10.35 22.58 25.60
N VAL C 77 -9.92 22.66 24.34
CA VAL C 77 -10.54 23.53 23.35
C VAL C 77 -10.75 22.74 22.07
N THR C 78 -11.54 23.33 21.16
CA THR C 78 -11.71 22.85 19.80
C THR C 78 -11.13 23.88 18.83
N VAL C 79 -10.70 23.38 17.66
CA VAL C 79 -10.04 24.21 16.66
C VAL C 79 -10.98 24.31 15.45
N PRO C 80 -11.62 25.45 15.23
CA PRO C 80 -12.57 25.55 14.10
C PRO C 80 -11.93 25.37 12.74
N SER C 81 -10.65 25.68 12.60
CA SER C 81 -9.98 25.55 11.31
C SER C 81 -9.62 24.10 10.96
N THR C 82 -9.72 23.18 11.91
CA THR C 82 -9.47 21.77 11.63
C THR C 82 -10.71 20.93 11.87
N GLY C 83 -11.86 21.38 11.35
CA GLY C 83 -13.10 20.64 11.52
C GLY C 83 -13.56 20.48 12.95
N ASN C 84 -13.20 21.42 13.82
CA ASN C 84 -13.63 21.44 15.23
C ASN C 84 -13.11 20.22 15.99
N THR C 85 -11.90 19.75 15.66
CA THR C 85 -11.31 18.66 16.41
C THR C 85 -10.82 19.14 17.77
N TYR C 86 -10.66 18.19 18.68
CA TYR C 86 -10.40 18.49 20.08
C TYR C 86 -8.91 18.65 20.34
N ARG C 87 -8.59 19.49 21.32
CA ARG C 87 -7.24 19.59 21.88
C ARG C 87 -7.37 19.64 23.39
N LYS C 88 -7.02 18.54 24.06
CA LYS C 88 -7.12 18.43 25.52
C LYS C 88 -5.77 18.00 26.06
N MET C 89 -5.07 18.92 26.73
CA MET C 89 -3.67 18.70 27.06
C MET C 89 -3.20 19.78 28.02
N TYR C 90 -2.04 19.53 28.63
CA TYR C 90 -1.22 20.56 29.23
C TYR C 90 -0.15 20.95 28.23
N ASN C 91 0.20 22.25 28.18
CA ASN C 91 1.15 22.71 27.19
C ASN C 91 1.98 23.86 27.73
N VAL C 92 3.09 24.12 27.06
CA VAL C 92 3.95 25.26 27.29
C VAL C 92 4.28 25.87 25.93
N ASN C 93 4.06 27.18 25.79
CA ASN C 93 4.16 27.80 24.47
C ASN C 93 5.58 28.29 24.19
N GLN C 94 5.76 28.86 23.01
CA GLN C 94 7.09 29.30 22.58
C GLN C 94 7.69 30.40 23.45
N PRO C 95 6.97 31.48 23.79
CA PRO C 95 7.59 32.50 24.66
C PRO C 95 8.02 31.95 26.01
N GLU C 96 7.27 31.01 26.58
CA GLU C 96 7.66 30.41 27.85
C GLU C 96 8.92 29.55 27.68
N ILE C 97 9.00 28.80 26.58
CA ILE C 97 10.18 27.99 26.33
C ILE C 97 11.40 28.87 26.04
N ALA C 98 11.19 29.96 25.29
CA ALA C 98 12.29 30.87 24.99
C ALA C 98 12.82 31.57 26.23
N GLU C 99 12.01 31.67 27.28
CA GLU C 99 12.46 32.36 28.49
C GLU C 99 13.24 31.44 29.42
N GLY C 100 12.81 30.19 29.57
CA GLY C 100 13.45 29.29 30.50
C GLY C 100 14.32 28.23 29.84
N GLY C 101 14.20 28.09 28.52
CA GLY C 101 14.95 27.08 27.81
C GLY C 101 16.33 27.55 27.40
N THR C 102 17.21 26.58 27.15
CA THR C 102 18.56 26.85 26.69
C THR C 102 18.89 25.98 25.49
N PHE C 103 18.77 24.66 25.66
CA PHE C 103 19.10 23.75 24.58
C PHE C 103 18.08 23.81 23.46
N ILE C 104 16.80 23.94 23.80
CA ILE C 104 15.72 23.91 22.81
C ILE C 104 15.82 25.10 21.87
N PRO C 105 15.96 26.35 22.36
CA PRO C 105 16.15 27.47 21.41
C PRO C 105 17.42 27.34 20.61
N ALA C 106 18.50 26.81 21.21
CA ALA C 106 19.74 26.65 20.48
C ALA C 106 19.61 25.58 19.39
N LEU C 107 18.95 24.47 19.70
CA LEU C 107 18.77 23.42 18.70
C LEU C 107 17.93 23.91 17.53
N TYR C 108 16.96 24.78 17.78
CA TYR C 108 16.12 25.30 16.71
C TYR C 108 16.95 26.09 15.70
N GLN C 109 17.95 26.84 16.17
CA GLN C 109 18.79 27.66 15.32
C GLN C 109 20.04 26.93 14.82
N SER C 110 20.20 25.65 15.15
CA SER C 110 21.38 24.88 14.77
C SER C 110 21.47 24.73 13.26
N GLU C 111 22.60 25.19 12.69
CA GLU C 111 22.77 25.07 11.25
C GLU C 111 22.84 23.62 10.80
N SER C 112 23.60 22.79 11.50
CA SER C 112 23.76 21.39 11.10
C SER C 112 22.45 20.62 11.21
N LEU C 113 21.64 20.91 12.23
CA LEU C 113 20.34 20.27 12.36
C LEU C 113 19.42 20.66 11.21
N ARG C 114 19.40 21.95 10.86
CA ARG C 114 18.55 22.40 9.76
C ARG C 114 19.03 21.83 8.43
N LYS C 115 20.34 21.76 8.22
CA LYS C 115 20.86 21.22 6.97
C LYS C 115 20.59 19.71 6.87
N PHE C 116 20.65 19.01 7.99
CA PHE C 116 20.39 17.56 7.97
C PHE C 116 18.92 17.28 7.66
N LEU C 117 18.01 17.97 8.34
CA LEU C 117 16.59 17.79 8.05
C LEU C 117 16.25 18.25 6.64
N GLY C 118 16.89 19.34 6.19
CA GLY C 118 16.70 19.77 4.81
C GLY C 118 17.23 18.76 3.80
N ASN C 119 18.30 18.06 4.15
CA ASN C 119 18.81 17.00 3.28
C ASN C 119 17.78 15.89 3.13
N ILE C 120 17.09 15.53 4.22
CA ILE C 120 16.07 14.49 4.16
C ILE C 120 14.86 14.98 3.38
N ALA C 121 14.41 16.21 3.66
CA ALA C 121 13.21 16.74 3.04
C ALA C 121 13.42 17.20 1.60
N GLY C 122 14.67 17.44 1.20
CA GLY C 122 14.93 17.98 -0.12
C GLY C 122 14.59 19.46 -0.24
N ASP C 123 14.84 20.22 0.82
CA ASP C 123 14.47 21.63 0.87
C ASP C 123 15.44 22.34 1.80
N ASP C 124 15.28 23.65 1.90
CA ASP C 124 16.05 24.47 2.84
C ASP C 124 15.12 24.91 3.97
N LEU C 125 15.54 24.67 5.20
CA LEU C 125 14.73 25.01 6.36
C LEU C 125 15.04 26.42 6.83
N ALA C 126 14.00 27.11 7.31
CA ALA C 126 14.15 28.44 7.87
C ALA C 126 13.24 28.56 9.08
N SER C 127 13.48 29.59 9.88
CA SER C 127 12.64 29.84 11.04
C SER C 127 11.22 30.17 10.60
N CYS C 128 10.25 29.57 11.28
CA CYS C 128 8.85 29.83 10.99
C CYS C 128 8.40 31.04 11.80
N TRP C 129 7.09 31.30 11.80
CA TRP C 129 6.52 32.33 12.66
C TRP C 129 6.95 32.10 14.10
N GLU C 130 7.38 33.19 14.75
CA GLU C 130 8.16 33.08 15.99
C GLU C 130 7.43 32.25 17.04
N GLN C 131 6.15 32.55 17.28
CA GLN C 131 5.41 31.91 18.36
C GLN C 131 5.00 30.48 18.05
N GLU C 132 5.48 29.91 16.95
CA GLU C 132 5.25 28.50 16.63
C GLU C 132 6.56 27.72 16.50
N GLN C 133 7.70 28.35 16.81
CA GLN C 133 8.99 27.71 16.56
C GLN C 133 9.17 26.46 17.42
N TYR C 134 8.76 26.50 18.68
CA TYR C 134 8.84 25.32 19.52
C TYR C 134 7.72 25.33 20.54
N LEU C 135 7.09 24.17 20.74
CA LEU C 135 5.97 24.01 21.65
C LEU C 135 6.07 22.67 22.35
N VAL C 136 5.49 22.59 23.54
CA VAL C 136 5.48 21.38 24.35
C VAL C 136 4.03 21.02 24.66
N THR C 137 3.71 19.72 24.61
CA THR C 137 2.39 19.22 24.97
C THR C 137 2.55 18.04 25.93
N LYS C 138 1.59 17.92 26.84
CA LYS C 138 1.57 16.81 27.80
C LYS C 138 0.16 16.24 27.88
N LEU C 139 0.03 14.95 27.55
CA LEU C 139 -1.23 14.22 27.69
C LEU C 139 -1.14 13.31 28.91
N SER C 140 -2.18 13.33 29.75
CA SER C 140 -2.13 12.59 31.00
C SER C 140 -3.44 11.85 31.29
N HIS C 141 -4.56 12.57 31.24
CA HIS C 141 -5.83 12.01 31.68
C HIS C 141 -6.56 11.34 30.52
N PRO C 142 -7.41 10.36 30.82
CA PRO C 142 -8.24 9.76 29.76
C PRO C 142 -9.08 10.80 29.05
N GLY C 143 -9.01 10.80 27.73
CA GLY C 143 -9.65 11.80 26.90
C GLY C 143 -8.71 12.82 26.32
N ASP C 144 -7.52 13.00 26.91
CA ASP C 144 -6.53 13.92 26.36
C ASP C 144 -6.13 13.47 24.96
N THR C 145 -6.10 14.42 24.02
CA THR C 145 -5.89 14.07 22.63
C THR C 145 -5.36 15.29 21.87
N HIS C 146 -4.90 15.03 20.66
CA HIS C 146 -4.49 16.05 19.68
C HIS C 146 -5.20 15.69 18.39
N GLY C 147 -6.38 16.27 18.19
CA GLY C 147 -7.27 15.85 17.12
C GLY C 147 -6.70 16.05 15.73
N TRP C 148 -7.44 15.56 14.74
CA TRP C 148 -7.04 15.64 13.34
C TRP C 148 -6.74 17.07 12.95
N HIS C 149 -5.60 17.28 12.28
CA HIS C 149 -5.17 18.61 11.91
C HIS C 149 -4.03 18.51 10.90
N TRP C 150 -3.69 19.67 10.35
CA TRP C 150 -2.45 19.86 9.60
C TRP C 150 -1.62 20.92 10.32
N GLY C 151 -0.40 21.12 9.84
CA GLY C 151 0.45 22.20 10.30
C GLY C 151 0.48 23.34 9.31
N ASP C 152 0.66 24.55 9.83
CA ASP C 152 0.83 25.71 8.94
C ASP C 152 2.16 25.70 8.23
N TYR C 153 3.13 24.94 8.74
CA TYR C 153 4.47 24.90 8.18
C TYR C 153 4.88 23.45 7.94
N PRO C 154 5.77 23.22 6.96
CA PRO C 154 5.93 21.85 6.45
C PRO C 154 6.82 20.93 7.28
N TYR C 155 7.79 21.46 8.01
CA TYR C 155 8.85 20.64 8.60
C TYR C 155 8.77 20.69 10.12
N THR C 156 8.31 19.59 10.71
CA THR C 156 8.10 19.48 12.15
C THR C 156 8.87 18.30 12.69
N MET C 157 9.57 18.51 13.81
CA MET C 157 10.24 17.45 14.55
C MET C 157 9.53 17.26 15.89
N ILE C 158 9.13 16.03 16.17
CA ILE C 158 8.43 15.70 17.41
C ILE C 158 9.38 14.88 18.27
N TRP C 159 9.71 15.40 19.45
CA TRP C 159 10.66 14.78 20.37
C TRP C 159 9.87 14.11 21.49
N ILE C 160 9.92 12.79 21.56
CA ILE C 160 9.18 12.03 22.56
C ILE C 160 9.96 12.09 23.88
N ILE C 161 9.44 12.84 24.84
CA ILE C 161 10.08 12.99 26.15
C ILE C 161 9.65 11.89 27.10
N GLU C 162 8.34 11.66 27.20
CA GLU C 162 7.78 10.55 27.97
C GLU C 162 6.64 9.94 27.17
N ALA C 163 6.49 8.62 27.30
CA ALA C 163 5.44 7.92 26.56
C ALA C 163 5.16 6.57 27.21
N PRO C 164 3.90 6.15 27.30
CA PRO C 164 3.63 4.80 27.80
C PRO C 164 4.09 3.75 26.81
N GLU C 165 4.63 2.65 27.34
CA GLU C 165 5.14 1.59 26.48
C GLU C 165 4.01 0.77 25.86
N ASP C 166 2.85 0.72 26.52
CA ASP C 166 1.72 -0.02 25.99
C ASP C 166 0.89 0.87 25.09
N PRO C 167 0.79 0.56 23.79
CA PRO C 167 -0.05 1.40 22.90
C PRO C 167 -1.52 1.39 23.25
N ALA C 168 -1.98 0.39 24.02
CA ALA C 168 -3.38 0.36 24.43
C ALA C 168 -3.76 1.52 25.34
N ILE C 169 -2.77 2.14 26.01
CA ILE C 169 -3.04 3.29 26.85
C ILE C 169 -3.39 4.52 26.00
N GLY C 170 -3.00 4.52 24.73
CA GLY C 170 -3.31 5.62 23.84
C GLY C 170 -2.06 6.36 23.39
N GLY C 171 -2.30 7.45 22.68
CA GLY C 171 -1.22 8.27 22.17
C GLY C 171 -0.65 7.84 20.83
N VAL C 172 -1.30 6.89 20.14
CA VAL C 172 -0.81 6.44 18.85
C VAL C 172 -1.00 7.55 17.82
N LEU C 173 0.02 7.76 16.99
CA LEU C 173 -0.05 8.74 15.91
C LEU C 173 -0.53 8.06 14.64
N GLN C 174 -1.48 8.70 13.96
CA GLN C 174 -1.99 8.21 12.68
C GLN C 174 -1.81 9.30 11.64
N CYS C 175 -1.44 8.91 10.40
CA CYS C 175 -1.04 9.86 9.38
C CYS C 175 -1.70 9.54 8.05
N VAL C 176 -2.03 10.60 7.31
CA VAL C 176 -2.47 10.50 5.92
C VAL C 176 -1.64 11.50 5.12
N PRO C 177 -0.57 11.06 4.45
CA PRO C 177 0.29 12.01 3.74
C PRO C 177 -0.30 12.44 2.40
N HIS C 178 0.32 13.48 1.84
CA HIS C 178 -0.02 14.00 0.51
C HIS C 178 -1.44 14.52 0.45
N SER C 179 -1.88 15.14 1.54
CA SER C 179 -3.08 15.96 1.58
C SER C 179 -2.66 17.42 1.66
N GLU C 180 -3.60 18.30 2.00
CA GLU C 180 -3.26 19.68 2.30
C GLU C 180 -4.40 20.28 3.12
N TRP C 181 -4.14 21.45 3.68
CA TRP C 181 -4.99 22.07 4.68
C TRP C 181 -5.81 23.18 4.04
N ASP C 182 -7.11 22.94 3.85
CA ASP C 182 -8.07 23.96 3.45
C ASP C 182 -8.85 24.32 4.71
N LYS C 183 -8.53 25.49 5.28
CA LYS C 183 -9.10 25.86 6.57
C LYS C 183 -10.59 26.12 6.50
N GLN C 184 -11.12 26.46 5.33
CA GLN C 184 -12.56 26.67 5.18
C GLN C 184 -13.30 25.42 4.73
N ASN C 185 -12.60 24.44 4.18
CA ASN C 185 -13.21 23.20 3.70
C ASN C 185 -12.21 22.07 3.84
N PRO C 186 -12.00 21.60 5.07
CA PRO C 186 -10.88 20.66 5.30
C PRO C 186 -11.07 19.30 4.63
N GLN C 187 -12.31 18.81 4.51
CA GLN C 187 -12.57 17.52 3.87
C GLN C 187 -11.76 16.41 4.52
N ILE C 188 -11.72 16.41 5.85
CA ILE C 188 -10.88 15.46 6.59
C ILE C 188 -11.30 14.03 6.30
N TRP C 189 -12.62 13.77 6.31
CA TRP C 189 -13.10 12.42 6.08
C TRP C 189 -12.86 11.96 4.65
N GLN C 190 -12.86 12.90 3.69
CA GLN C 190 -12.62 12.52 2.30
C GLN C 190 -11.18 12.08 2.09
N TYR C 191 -10.23 12.73 2.77
CA TYR C 191 -8.84 12.30 2.70
C TYR C 191 -8.66 10.93 3.34
N ILE C 192 -9.38 10.66 4.42
CA ILE C 192 -9.29 9.36 5.09
C ILE C 192 -9.88 8.26 4.22
N LEU C 193 -10.98 8.57 3.52
CA LEU C 193 -11.62 7.56 2.69
C LEU C 193 -10.82 7.23 1.44
N ASN C 194 -10.02 8.18 0.95
N ASN C 194 -10.03 8.19 0.95
CA ASN C 194 -9.28 7.98 -0.29
CA ASN C 194 -9.28 8.02 -0.29
C ASN C 194 -7.86 7.49 -0.06
C ASN C 194 -7.83 7.61 -0.07
N ASN C 195 -7.41 7.39 1.18
CA ASN C 195 -6.04 7.01 1.47
C ASN C 195 -6.01 5.97 2.58
N PRO C 196 -4.96 5.15 2.63
CA PRO C 196 -4.75 4.31 3.80
C PRO C 196 -4.16 5.12 4.95
N ILE C 197 -4.54 4.72 6.17
CA ILE C 197 -4.03 5.35 7.38
C ILE C 197 -2.89 4.50 7.93
N LYS C 198 -1.75 5.13 8.16
CA LYS C 198 -0.62 4.48 8.82
C LYS C 198 -0.54 4.95 10.26
N SER C 199 -0.33 4.01 11.18
CA SER C 199 -0.31 4.29 12.60
C SER C 199 1.08 3.98 13.17
N TYR C 200 1.51 4.82 14.11
CA TYR C 200 2.85 4.70 14.68
C TYR C 200 2.79 4.88 16.19
N HIS C 201 3.55 4.06 16.90
CA HIS C 201 3.72 4.18 18.34
C HIS C 201 5.15 4.62 18.63
N HIS C 202 5.30 5.44 19.67
CA HIS C 202 6.59 6.03 20.00
C HIS C 202 6.92 5.81 21.46
N LEU C 203 8.22 5.68 21.74
CA LEU C 203 8.74 5.50 23.08
C LEU C 203 9.63 6.68 23.44
N LYS C 204 9.86 6.86 24.74
CA LYS C 204 10.78 7.88 25.22
C LYS C 204 12.14 7.74 24.54
N GLY C 205 12.63 8.84 23.99
CA GLY C 205 13.86 8.86 23.24
C GLY C 205 13.67 8.89 21.73
N ASP C 206 12.50 8.52 21.25
CA ASP C 206 12.21 8.64 19.82
C ASP C 206 12.07 10.10 19.43
N VAL C 207 12.53 10.43 18.22
CA VAL C 207 12.34 11.74 17.62
C VAL C 207 12.02 11.50 16.15
N TYR C 208 10.83 11.93 15.72
CA TYR C 208 10.41 11.66 14.34
C TYR C 208 10.19 12.95 13.57
N PHE C 209 10.50 12.87 12.27
CA PHE C 209 10.34 13.99 11.34
C PHE C 209 8.97 13.87 10.67
N LEU C 210 8.23 14.97 10.63
CA LEU C 210 6.87 14.97 10.12
C LEU C 210 6.69 16.08 9.10
N LYS C 211 6.16 15.73 7.92
CA LYS C 211 5.80 16.71 6.90
C LYS C 211 4.41 17.25 7.25
N SER C 212 4.39 18.24 8.15
CA SER C 212 3.17 18.57 8.87
C SER C 212 2.12 19.28 8.01
N ASP C 213 2.53 19.97 6.95
CA ASP C 213 1.56 20.74 6.17
C ASP C 213 0.79 19.90 5.17
N THR C 214 1.34 18.75 4.74
CA THR C 214 0.67 17.88 3.79
C THR C 214 0.33 16.51 4.35
N THR C 215 0.58 16.27 5.64
CA THR C 215 0.26 15.00 6.28
C THR C 215 -0.81 15.26 7.33
N LEU C 216 -2.05 14.90 7.00
CA LEU C 216 -3.12 14.93 7.99
C LEU C 216 -2.84 13.91 9.08
N HIS C 217 -2.88 14.36 10.34
CA HIS C 217 -2.47 13.50 11.44
C HIS C 217 -3.18 13.89 12.72
N HIS C 218 -3.14 12.98 13.68
CA HIS C 218 -3.73 13.19 15.00
C HIS C 218 -3.11 12.22 15.98
N VAL C 219 -3.31 12.50 17.26
CA VAL C 219 -2.85 11.63 18.35
C VAL C 219 -4.08 10.98 18.96
N VAL C 220 -4.10 9.64 18.95
CA VAL C 220 -5.23 8.89 19.49
C VAL C 220 -5.44 9.27 20.95
N PRO C 221 -6.67 9.52 21.39
CA PRO C 221 -6.89 9.98 22.77
C PRO C 221 -6.36 9.01 23.79
N ILE C 222 -5.97 9.56 24.94
CA ILE C 222 -5.46 8.75 26.05
C ILE C 222 -6.60 7.90 26.61
N GLN C 223 -6.33 6.62 26.83
CA GLN C 223 -7.33 5.69 27.35
C GLN C 223 -7.20 5.43 28.84
N GLN C 224 -6.02 5.67 29.41
CA GLN C 224 -5.77 5.37 30.81
C GLN C 224 -4.72 6.35 31.34
N GLU C 225 -4.88 6.74 32.60
CA GLU C 225 -3.99 7.71 33.23
C GLU C 225 -2.52 7.36 33.00
N THR C 226 -1.79 8.29 32.41
CA THR C 226 -0.40 8.06 32.02
C THR C 226 0.30 9.41 31.93
N THR C 227 1.47 9.41 31.31
CA THR C 227 2.23 10.63 31.07
C THR C 227 2.85 10.54 29.67
N ARG C 228 2.38 11.38 28.75
CA ARG C 228 2.94 11.47 27.40
C ARG C 228 3.34 12.91 27.14
N ILE C 229 4.64 13.15 27.01
CA ILE C 229 5.19 14.49 26.85
C ILE C 229 6.00 14.52 25.56
N ILE C 230 5.74 15.53 24.72
CA ILE C 230 6.46 15.70 23.46
C ILE C 230 6.89 17.14 23.32
N LEU C 231 7.97 17.35 22.59
CA LEU C 231 8.40 18.67 22.15
C LEU C 231 8.19 18.79 20.65
N ASN C 232 7.61 19.90 20.22
CA ASN C 232 7.36 20.17 18.81
C ASN C 232 8.25 21.33 18.38
N THR C 233 9.23 21.04 17.54
CA THR C 233 10.03 22.07 16.87
C THR C 233 9.60 22.13 15.41
N CYS C 234 9.20 23.31 14.95
CA CYS C 234 8.57 23.48 13.65
C CYS C 234 9.33 24.52 12.85
N TRP C 235 9.74 24.15 11.64
CA TRP C 235 10.46 25.05 10.75
C TRP C 235 9.64 25.29 9.49
N ALA C 236 9.76 26.49 8.95
CA ALA C 236 9.18 26.80 7.66
C ALA C 236 10.14 26.41 6.54
N SER C 237 9.66 26.48 5.30
CA SER C 237 10.54 26.34 4.16
C SER C 237 11.18 27.69 3.85
N ALA C 238 12.49 27.65 3.54
CA ALA C 238 13.18 28.88 3.18
C ALA C 238 12.65 29.48 1.89
N HIS C 239 11.93 28.71 1.09
CA HIS C 239 11.32 29.16 -0.15
C HIS C 239 9.81 29.38 -0.01
N ASP C 240 9.33 29.53 1.22
CA ASP C 240 7.92 29.82 1.45
C ASP C 240 7.55 31.17 0.84
N ARG C 241 6.59 31.16 -0.08
N ARG C 241 6.59 31.14 -0.08
CA ARG C 241 6.13 32.35 -0.77
CA ARG C 241 6.13 32.34 -0.76
C ARG C 241 4.81 32.89 -0.20
C ARG C 241 4.79 32.84 -0.25
N ARG C 242 4.33 32.32 0.90
CA ARG C 242 3.06 32.74 1.48
C ARG C 242 3.28 33.97 2.37
N THR C 243 2.42 34.97 2.20
CA THR C 243 2.48 36.18 3.01
C THR C 243 1.40 36.25 4.08
N ASP C 244 0.26 35.60 3.87
CA ASP C 244 -0.87 35.74 4.78
C ASP C 244 -1.19 34.43 5.49
N VAL C 245 -0.21 33.88 6.19
CA VAL C 245 -0.40 32.66 6.97
C VAL C 245 -1.07 33.02 8.28
N ALA C 246 -2.24 32.44 8.54
CA ALA C 246 -2.95 32.65 9.78
C ALA C 246 -2.51 31.62 10.82
N HIS C 247 -2.60 32.02 12.08
CA HIS C 247 -2.13 31.20 13.21
C HIS C 247 -3.26 30.99 14.22
N GLU C 248 -4.48 30.78 13.72
CA GLU C 248 -5.62 30.66 14.61
C GLU C 248 -5.54 29.42 15.49
N SER C 249 -4.91 28.35 15.00
CA SER C 249 -4.79 27.14 15.82
C SER C 249 -3.77 27.33 16.94
N ILE C 250 -2.65 27.98 16.65
CA ILE C 250 -1.64 28.25 17.67
C ILE C 250 -2.21 29.20 18.72
N GLU C 251 -3.05 30.15 18.29
CA GLU C 251 -3.57 31.16 19.20
C GLU C 251 -4.44 30.53 20.28
N VAL C 252 -5.23 29.51 19.93
CA VAL C 252 -6.15 28.93 20.89
C VAL C 252 -5.54 27.79 21.69
N ILE C 253 -4.52 27.11 21.16
CA ILE C 253 -3.95 25.96 21.85
C ILE C 253 -2.74 26.30 22.72
N TRP C 254 -1.73 26.94 22.15
CA TRP C 254 -0.54 27.24 22.95
C TRP C 254 -0.49 28.68 23.40
N ASP C 255 -1.18 29.57 22.68
CA ASP C 255 -1.17 31.01 22.88
C ASP C 255 0.17 31.66 22.54
N THR C 256 0.11 32.97 22.37
CA THR C 256 1.23 33.83 21.97
C THR C 256 1.81 34.76 23.04
N LYS C 257 1.21 34.83 24.23
CA LYS C 257 1.83 35.59 25.30
C LYS C 257 2.29 34.66 26.41
N ALA C 258 3.32 35.07 27.15
CA ALA C 258 3.76 34.28 28.29
C ALA C 258 2.64 34.22 29.32
N ARG C 259 2.13 33.01 29.55
CA ARG C 259 1.01 32.84 30.45
C ARG C 259 1.46 32.61 31.89
N SER D 7 -43.44 -22.34 -2.03
CA SER D 7 -43.79 -20.93 -2.12
C SER D 7 -43.33 -20.33 -3.45
N LEU D 8 -44.27 -19.72 -4.18
CA LEU D 8 -43.91 -19.10 -5.45
C LEU D 8 -42.97 -17.93 -5.28
N VAL D 9 -43.08 -17.19 -4.16
CA VAL D 9 -42.22 -16.04 -3.95
C VAL D 9 -40.76 -16.49 -3.80
N ILE D 10 -40.51 -17.54 -3.02
CA ILE D 10 -39.15 -18.05 -2.87
C ILE D 10 -38.66 -18.68 -4.17
N GLU D 11 -39.55 -19.37 -4.89
CA GLU D 11 -39.13 -20.01 -6.14
C GLU D 11 -38.79 -18.97 -7.22
N VAL D 12 -39.59 -17.90 -7.31
CA VAL D 12 -39.31 -16.87 -8.30
C VAL D 12 -38.05 -16.09 -7.92
N MET D 13 -37.88 -15.80 -6.63
CA MET D 13 -36.70 -15.07 -6.19
C MET D 13 -35.43 -15.86 -6.45
N GLU D 14 -35.45 -17.17 -6.17
CA GLU D 14 -34.27 -18.00 -6.40
C GLU D 14 -33.93 -18.07 -7.89
N GLN D 15 -34.94 -18.14 -8.75
CA GLN D 15 -34.70 -18.13 -10.18
C GLN D 15 -34.08 -16.82 -10.63
N GLN D 16 -34.57 -15.71 -10.11
CA GLN D 16 -34.02 -14.40 -10.48
C GLN D 16 -32.59 -14.24 -9.95
N LEU D 17 -32.32 -14.78 -8.75
CA LEU D 17 -30.97 -14.72 -8.21
C LEU D 17 -29.99 -15.51 -9.06
N ALA D 18 -30.38 -16.73 -9.47
CA ALA D 18 -29.49 -17.56 -10.27
C ALA D 18 -29.13 -16.89 -11.59
N LYS D 19 -30.11 -16.28 -12.25
CA LYS D 19 -29.84 -15.57 -13.50
C LYS D 19 -28.97 -14.33 -13.25
N HIS D 20 -29.22 -13.63 -12.14
CA HIS D 20 -28.45 -12.43 -11.82
C HIS D 20 -26.99 -12.78 -11.55
N PHE D 21 -26.75 -13.78 -10.70
CA PHE D 21 -25.38 -14.15 -10.38
C PHE D 21 -24.67 -14.81 -11.55
N GLN D 22 -25.39 -15.56 -12.38
CA GLN D 22 -24.78 -16.16 -13.55
C GLN D 22 -24.31 -15.08 -14.54
N ALA D 23 -25.08 -13.99 -14.64
CA ALA D 23 -24.67 -12.89 -15.51
C ALA D 23 -23.40 -12.22 -14.99
N ILE D 24 -23.23 -12.15 -13.67
CA ILE D 24 -22.00 -11.59 -13.11
C ILE D 24 -20.86 -12.57 -13.28
N LEU D 25 -21.09 -13.85 -13.00
CA LEU D 25 -20.05 -14.86 -13.11
C LEU D 25 -19.61 -15.08 -14.55
N GLN D 26 -20.44 -14.68 -15.53
CA GLN D 26 -20.07 -14.89 -16.93
C GLN D 26 -18.83 -14.10 -17.31
N ASP D 27 -18.59 -12.95 -16.66
CA ASP D 27 -17.39 -12.16 -16.90
C ASP D 27 -16.31 -12.67 -15.96
N GLU D 28 -15.62 -13.73 -16.40
CA GLU D 28 -14.62 -14.38 -15.56
C GLU D 28 -13.44 -13.46 -15.29
N ASN D 29 -13.02 -12.68 -16.29
CA ASN D 29 -11.89 -11.77 -16.09
C ASN D 29 -12.21 -10.74 -15.02
N ARG D 30 -13.46 -10.25 -14.99
N ARG D 30 -13.46 -10.26 -14.99
CA ARG D 30 -13.86 -9.34 -13.92
CA ARG D 30 -13.86 -9.34 -13.92
C ARG D 30 -13.97 -10.07 -12.59
C ARG D 30 -14.00 -10.07 -12.59
N MET D 31 -14.45 -11.32 -12.62
CA MET D 31 -14.55 -12.10 -11.39
C MET D 31 -13.18 -12.30 -10.76
N LYS D 32 -12.13 -12.46 -11.58
CA LYS D 32 -10.78 -12.55 -11.05
C LYS D 32 -10.43 -11.32 -10.24
N GLN D 33 -10.84 -10.13 -10.71
CA GLN D 33 -10.59 -8.91 -9.97
CA GLN D 33 -10.59 -8.91 -9.97
C GLN D 33 -11.38 -8.86 -8.67
N ILE D 34 -12.64 -9.31 -8.71
CA ILE D 34 -13.48 -9.29 -7.51
C ILE D 34 -12.91 -10.22 -6.44
N ARG D 35 -12.55 -11.45 -6.83
CA ARG D 35 -11.91 -12.36 -5.90
C ARG D 35 -10.61 -11.77 -5.37
N ASN D 36 -9.81 -11.17 -6.26
CA ASN D 36 -8.57 -10.53 -5.85
C ASN D 36 -8.81 -9.48 -4.77
N GLU D 37 -9.73 -8.54 -5.03
CA GLU D 37 -9.94 -7.44 -4.10
C GLU D 37 -10.53 -7.92 -2.78
N PHE D 38 -11.47 -8.88 -2.83
CA PHE D 38 -12.07 -9.37 -1.60
C PHE D 38 -11.05 -10.11 -0.73
N ARG D 39 -10.19 -10.92 -1.36
CA ARG D 39 -9.20 -11.66 -0.57
C ARG D 39 -8.07 -10.75 -0.11
N ARG D 40 -7.72 -9.74 -0.91
CA ARG D 40 -6.63 -8.83 -0.53
C ARG D 40 -7.07 -7.87 0.56
N ASP D 41 -8.27 -7.31 0.44
CA ASP D 41 -8.75 -6.29 1.37
C ASP D 41 -9.71 -6.84 2.42
N GLY D 42 -10.09 -8.11 2.33
CA GLY D 42 -11.12 -8.63 3.22
C GLY D 42 -12.46 -7.97 3.03
N TYR D 43 -12.68 -7.36 1.86
CA TYR D 43 -13.82 -6.46 1.67
C TYR D 43 -14.06 -6.27 0.18
N PHE D 44 -15.33 -6.25 -0.21
CA PHE D 44 -15.72 -5.86 -1.56
C PHE D 44 -17.14 -5.33 -1.51
N ASN D 45 -17.36 -4.17 -2.13
CA ASN D 45 -18.63 -3.46 -2.06
C ASN D 45 -19.37 -3.60 -3.39
N PHE D 46 -20.59 -4.15 -3.34
CA PHE D 46 -21.50 -4.12 -4.48
C PHE D 46 -22.33 -2.84 -4.35
N LYS D 47 -21.92 -1.80 -5.05
CA LYS D 47 -22.51 -0.47 -4.88
C LYS D 47 -23.77 -0.31 -5.72
N ASN D 48 -24.66 0.55 -5.23
CA ASN D 48 -25.78 1.10 -6.01
C ASN D 48 -26.71 0.00 -6.52
N PHE D 49 -27.25 -0.77 -5.58
CA PHE D 49 -28.31 -1.75 -5.85
C PHE D 49 -27.88 -2.75 -6.93
N SER D 50 -26.64 -3.23 -6.85
CA SER D 50 -26.10 -4.12 -7.85
C SER D 50 -25.96 -5.57 -7.40
N PHE D 51 -25.97 -5.83 -6.08
CA PHE D 51 -25.74 -7.19 -5.60
C PHE D 51 -26.89 -8.12 -5.99
N LEU D 52 -28.13 -7.65 -5.82
CA LEU D 52 -29.31 -8.42 -6.19
C LEU D 52 -30.12 -7.62 -7.20
N PRO D 53 -31.11 -8.22 -7.87
CA PRO D 53 -32.10 -7.42 -8.58
C PRO D 53 -32.70 -6.38 -7.65
N LYS D 54 -32.85 -5.16 -8.16
CA LYS D 54 -33.21 -4.03 -7.31
C LYS D 54 -34.51 -4.27 -6.54
N ARG D 55 -35.47 -4.95 -7.17
CA ARG D 55 -36.74 -5.20 -6.50
CA ARG D 55 -36.74 -5.20 -6.50
C ARG D 55 -36.55 -6.07 -5.27
N ILE D 56 -35.69 -7.10 -5.36
CA ILE D 56 -35.46 -7.97 -4.22
C ILE D 56 -34.74 -7.20 -3.12
N LEU D 57 -33.76 -6.37 -3.48
CA LEU D 57 -33.08 -5.54 -2.50
C LEU D 57 -34.07 -4.60 -1.81
N GLU D 58 -34.99 -4.01 -2.57
CA GLU D 58 -36.00 -3.14 -1.98
C GLU D 58 -36.93 -3.90 -1.05
N ASN D 59 -37.19 -5.17 -1.34
CA ASN D 59 -37.98 -5.99 -0.43
C ASN D 59 -37.23 -6.22 0.88
N VAL D 60 -35.91 -6.38 0.82
CA VAL D 60 -35.11 -6.52 2.03
C VAL D 60 -35.15 -5.24 2.84
N HIS D 61 -35.01 -4.09 2.17
CA HIS D 61 -35.05 -2.81 2.88
C HIS D 61 -36.39 -2.62 3.58
N ALA D 62 -37.49 -2.92 2.89
CA ALA D 62 -38.80 -2.80 3.51
C ALA D 62 -38.96 -3.78 4.65
N GLU D 63 -38.42 -4.99 4.50
CA GLU D 63 -38.53 -5.99 5.57
C GLU D 63 -37.75 -5.58 6.81
N VAL D 64 -36.53 -5.05 6.61
CA VAL D 64 -35.72 -4.61 7.74
C VAL D 64 -36.41 -3.47 8.49
N HIS D 65 -36.97 -2.51 7.76
CA HIS D 65 -37.70 -1.42 8.39
C HIS D 65 -38.88 -1.95 9.21
N ALA D 66 -39.62 -2.92 8.66
CA ALA D 66 -40.77 -3.47 9.38
C ALA D 66 -40.32 -4.24 10.61
N LEU D 67 -39.20 -4.96 10.51
CA LEU D 67 -38.70 -5.71 11.67
C LEU D 67 -38.23 -4.77 12.77
N LEU D 68 -37.62 -3.64 12.40
CA LEU D 68 -37.21 -2.66 13.41
C LEU D 68 -38.42 -2.03 14.09
N ASP D 69 -39.47 -1.76 13.33
CA ASP D 69 -40.68 -1.19 13.93
C ASP D 69 -41.27 -2.10 15.00
N GLU D 70 -41.06 -3.41 14.87
CA GLU D 70 -41.66 -4.38 15.79
C GLU D 70 -40.71 -4.85 16.89
N TYR D 71 -39.41 -4.96 16.61
CA TYR D 71 -38.49 -5.66 17.51
C TYR D 71 -37.30 -4.82 17.96
N SER D 72 -37.29 -3.51 17.69
CA SER D 72 -36.12 -2.70 18.00
C SER D 72 -35.84 -2.70 19.50
N VAL D 73 -34.59 -2.99 19.86
CA VAL D 73 -34.13 -3.01 21.24
C VAL D 73 -32.84 -2.21 21.32
N ARG D 74 -32.78 -1.26 22.25
CA ARG D 74 -31.59 -0.44 22.43
C ARG D 74 -30.58 -1.15 23.31
N ARG D 75 -29.31 -1.10 22.91
CA ARG D 75 -28.23 -1.73 23.64
C ARG D 75 -27.03 -0.80 23.69
N ASP D 76 -26.41 -0.71 24.87
CA ASP D 76 -25.20 0.09 25.09
C ASP D 76 -24.28 -0.73 25.99
N VAL D 77 -23.45 -1.56 25.36
CA VAL D 77 -22.66 -2.56 26.07
C VAL D 77 -21.20 -2.49 25.60
N THR D 78 -20.34 -3.16 26.36
CA THR D 78 -18.97 -3.42 25.96
C THR D 78 -18.77 -4.93 25.81
N VAL D 79 -17.84 -5.31 24.95
CA VAL D 79 -17.60 -6.71 24.64
C VAL D 79 -16.22 -7.09 25.18
N PRO D 80 -16.12 -7.84 26.28
CA PRO D 80 -14.80 -8.16 26.83
C PRO D 80 -13.92 -8.97 25.90
N SER D 81 -14.51 -9.74 24.99
CA SER D 81 -13.71 -10.56 24.07
C SER D 81 -13.10 -9.74 22.94
N THR D 82 -13.51 -8.49 22.75
CA THR D 82 -12.92 -7.64 21.73
C THR D 82 -12.27 -6.41 22.38
N GLY D 83 -11.50 -6.63 23.43
CA GLY D 83 -10.82 -5.53 24.10
C GLY D 83 -11.76 -4.52 24.74
N ASN D 84 -12.96 -4.94 25.11
CA ASN D 84 -13.94 -4.09 25.78
C ASN D 84 -14.37 -2.91 24.91
N THR D 85 -14.44 -3.12 23.59
CA THR D 85 -14.93 -2.07 22.71
C THR D 85 -16.44 -1.91 22.85
N TYR D 86 -16.93 -0.74 22.43
CA TYR D 86 -18.32 -0.36 22.69
C TYR D 86 -19.25 -0.86 21.60
N ARG D 87 -20.49 -1.11 21.99
CA ARG D 87 -21.58 -1.38 21.05
C ARG D 87 -22.78 -0.57 21.52
N LYS D 88 -23.10 0.50 20.80
CA LYS D 88 -24.20 1.40 21.15
C LYS D 88 -25.10 1.51 19.94
N MET D 89 -26.30 0.92 20.02
CA MET D 89 -27.12 0.74 18.83
C MET D 89 -28.51 0.30 19.24
N TYR D 90 -29.43 0.39 18.29
CA TYR D 90 -30.67 -0.38 18.30
C TYR D 90 -30.46 -1.60 17.42
N ASN D 91 -31.02 -2.74 17.82
CA ASN D 91 -30.78 -3.96 17.06
C ASN D 91 -31.99 -4.88 17.11
N VAL D 92 -32.01 -5.82 16.18
CA VAL D 92 -32.98 -6.91 16.14
C VAL D 92 -32.19 -8.20 15.92
N ASN D 93 -32.45 -9.20 16.76
CA ASN D 93 -31.62 -10.40 16.76
C ASN D 93 -32.18 -11.44 15.80
N GLN D 94 -31.48 -12.58 15.70
CA GLN D 94 -31.85 -13.62 14.75
C GLN D 94 -33.23 -14.22 15.03
N PRO D 95 -33.59 -14.63 16.25
CA PRO D 95 -34.94 -15.19 16.44
C PRO D 95 -36.06 -14.22 16.11
N GLU D 96 -35.87 -12.92 16.35
CA GLU D 96 -36.89 -11.95 15.98
C GLU D 96 -37.02 -11.83 14.47
N ILE D 97 -35.89 -11.85 13.76
CA ILE D 97 -35.94 -11.78 12.30
C ILE D 97 -36.53 -13.06 11.73
N ALA D 98 -36.18 -14.21 12.31
CA ALA D 98 -36.74 -15.48 11.86
C ALA D 98 -38.24 -15.57 12.10
N GLU D 99 -38.77 -14.79 13.05
CA GLU D 99 -40.18 -14.84 13.38
C GLU D 99 -41.00 -13.94 12.46
N GLY D 100 -40.50 -12.75 12.15
CA GLY D 100 -41.24 -11.79 11.36
C GLY D 100 -40.75 -11.64 9.93
N GLY D 101 -39.57 -12.18 9.64
CA GLY D 101 -39.00 -12.02 8.32
C GLY D 101 -39.47 -13.07 7.33
N THR D 102 -39.32 -12.75 6.05
CA THR D 102 -39.66 -13.65 4.96
C THR D 102 -38.53 -13.72 3.95
N PHE D 103 -38.14 -12.56 3.41
CA PHE D 103 -37.10 -12.52 2.40
C PHE D 103 -35.72 -12.81 3.00
N ILE D 104 -35.46 -12.30 4.20
CA ILE D 104 -34.14 -12.41 4.82
C ILE D 104 -33.82 -13.87 5.15
N PRO D 105 -34.70 -14.63 5.83
CA PRO D 105 -34.39 -16.05 6.04
C PRO D 105 -34.28 -16.83 4.74
N ALA D 106 -35.08 -16.50 3.73
CA ALA D 106 -34.99 -17.20 2.45
C ALA D 106 -33.68 -16.91 1.75
N LEU D 107 -33.24 -15.64 1.76
CA LEU D 107 -31.97 -15.29 1.12
C LEU D 107 -30.80 -15.98 1.79
N TYR D 108 -30.88 -16.17 3.11
CA TYR D 108 -29.79 -16.84 3.83
C TYR D 108 -29.61 -18.27 3.34
N GLN D 109 -30.71 -18.94 3.00
CA GLN D 109 -30.68 -20.32 2.53
C GLN D 109 -30.55 -20.43 1.02
N SER D 110 -30.45 -19.31 0.30
CA SER D 110 -30.41 -19.33 -1.15
C SER D 110 -29.14 -20.02 -1.63
N GLU D 111 -29.31 -21.10 -2.41
CA GLU D 111 -28.16 -21.84 -2.90
C GLU D 111 -27.35 -21.01 -3.88
N SER D 112 -28.02 -20.27 -4.77
CA SER D 112 -27.29 -19.47 -5.76
C SER D 112 -26.52 -18.34 -5.07
N LEU D 113 -27.10 -17.76 -4.02
CA LEU D 113 -26.39 -16.72 -3.27
C LEU D 113 -25.17 -17.29 -2.58
N ARG D 114 -25.31 -18.46 -1.94
CA ARG D 114 -24.17 -19.07 -1.25
C ARG D 114 -23.09 -19.49 -2.24
N LYS D 115 -23.50 -20.00 -3.40
CA LYS D 115 -22.52 -20.41 -4.41
C LYS D 115 -21.79 -19.20 -4.99
N PHE D 116 -22.48 -18.08 -5.14
CA PHE D 116 -21.85 -16.88 -5.68
C PHE D 116 -20.83 -16.31 -4.70
N LEU D 117 -21.21 -16.15 -3.43
CA LEU D 117 -20.27 -15.68 -2.43
C LEU D 117 -19.13 -16.65 -2.24
N GLY D 118 -19.41 -17.96 -2.28
CA GLY D 118 -18.35 -18.94 -2.22
C GLY D 118 -17.41 -18.87 -3.40
N ASN D 119 -17.92 -18.50 -4.58
CA ASN D 119 -17.07 -18.30 -5.74
C ASN D 119 -16.09 -17.15 -5.52
N ILE D 120 -16.55 -16.07 -4.90
CA ILE D 120 -15.67 -14.94 -4.61
C ILE D 120 -14.65 -15.31 -3.54
N ALA D 121 -15.11 -15.95 -2.47
CA ALA D 121 -14.23 -16.27 -1.35
C ALA D 121 -13.34 -17.46 -1.61
N GLY D 122 -13.67 -18.30 -2.58
CA GLY D 122 -12.90 -19.51 -2.81
C GLY D 122 -13.17 -20.59 -1.80
N ASP D 123 -14.42 -20.73 -1.36
CA ASP D 123 -14.78 -21.65 -0.30
C ASP D 123 -16.23 -22.09 -0.51
N ASP D 124 -16.68 -23.00 0.34
CA ASP D 124 -18.08 -23.43 0.36
C ASP D 124 -18.74 -22.87 1.60
N LEU D 125 -19.88 -22.20 1.40
CA LEU D 125 -20.59 -21.55 2.49
C LEU D 125 -21.61 -22.51 3.10
N ALA D 126 -21.77 -22.43 4.42
CA ALA D 126 -22.77 -23.20 5.13
C ALA D 126 -23.38 -22.33 6.23
N SER D 127 -24.51 -22.77 6.75
CA SER D 127 -25.15 -22.04 7.83
C SER D 127 -24.27 -22.05 9.07
N CYS D 128 -24.16 -20.88 9.71
CA CYS D 128 -23.38 -20.75 10.93
C CYS D 128 -24.28 -21.09 12.13
N TRP D 129 -23.77 -20.84 13.33
CA TRP D 129 -24.57 -20.98 14.53
C TRP D 129 -25.87 -20.20 14.38
N GLU D 130 -26.99 -20.83 14.75
CA GLU D 130 -28.31 -20.35 14.34
C GLU D 130 -28.54 -18.89 14.72
N GLN D 131 -28.26 -18.54 15.97
CA GLN D 131 -28.57 -17.21 16.47
C GLN D 131 -27.62 -16.12 15.96
N GLU D 132 -26.75 -16.44 15.01
CA GLU D 132 -25.90 -15.44 14.36
C GLU D 132 -26.12 -15.38 12.86
N GLN D 133 -27.11 -16.14 12.34
CA GLN D 133 -27.27 -16.23 10.90
C GLN D 133 -27.64 -14.90 10.27
N TYR D 134 -28.49 -14.12 10.92
CA TYR D 134 -28.83 -12.80 10.43
C TYR D 134 -29.18 -11.88 11.59
N LEU D 135 -28.65 -10.65 11.53
CA LEU D 135 -28.83 -9.66 12.58
C LEU D 135 -28.99 -8.28 11.95
N VAL D 136 -29.66 -7.39 12.67
CA VAL D 136 -29.92 -6.03 12.22
C VAL D 136 -29.34 -5.06 13.24
N THR D 137 -28.75 -3.97 12.74
CA THR D 137 -28.21 -2.92 13.58
C THR D 137 -28.72 -1.56 13.10
N LYS D 138 -28.98 -0.66 14.04
CA LYS D 138 -29.40 0.70 13.72
C LYS D 138 -28.64 1.69 14.59
N LEU D 139 -27.88 2.58 13.97
CA LEU D 139 -27.18 3.65 14.65
C LEU D 139 -27.90 4.97 14.39
N SER D 140 -28.13 5.76 15.45
CA SER D 140 -28.93 6.97 15.31
C SER D 140 -28.33 8.16 16.04
N HIS D 141 -28.02 7.99 17.33
CA HIS D 141 -27.62 9.13 18.15
C HIS D 141 -26.11 9.32 18.14
N PRO D 142 -25.65 10.55 18.38
CA PRO D 142 -24.19 10.78 18.50
C PRO D 142 -23.58 9.90 19.58
N GLY D 143 -22.53 9.18 19.22
CA GLY D 143 -21.90 8.22 20.09
C GLY D 143 -22.21 6.77 19.75
N ASP D 144 -23.30 6.53 19.02
CA ASP D 144 -23.63 5.17 18.60
C ASP D 144 -22.53 4.63 17.70
N THR D 145 -22.10 3.39 17.97
CA THR D 145 -20.95 2.85 17.27
C THR D 145 -20.99 1.33 17.34
N HIS D 146 -20.14 0.71 16.54
CA HIS D 146 -19.89 -0.74 16.54
C HIS D 146 -18.37 -0.88 16.61
N GLY D 147 -17.85 -1.01 17.83
CA GLY D 147 -16.42 -0.92 18.07
C GLY D 147 -15.57 -1.98 17.42
N TRP D 148 -14.25 -1.86 17.54
CA TRP D 148 -13.32 -2.81 16.93
C TRP D 148 -13.64 -4.24 17.34
N HIS D 149 -13.68 -5.14 16.36
CA HIS D 149 -14.04 -6.53 16.63
C HIS D 149 -13.70 -7.38 15.42
N TRP D 150 -13.80 -8.68 15.61
CA TRP D 150 -13.81 -9.67 14.55
C TRP D 150 -15.13 -10.42 14.59
N GLY D 151 -15.35 -11.27 13.60
CA GLY D 151 -16.49 -12.17 13.58
C GLY D 151 -16.06 -13.59 13.93
N ASP D 152 -16.98 -14.33 14.54
CA ASP D 152 -16.71 -15.74 14.82
C ASP D 152 -16.71 -16.58 13.56
N TYR D 153 -17.31 -16.09 12.48
CA TYR D 153 -17.44 -16.83 11.24
C TYR D 153 -16.92 -16.00 10.08
N PRO D 154 -16.43 -16.64 9.01
CA PRO D 154 -15.61 -15.93 8.03
C PRO D 154 -16.36 -15.09 7.01
N TYR D 155 -17.60 -15.45 6.66
CA TYR D 155 -18.25 -14.87 5.50
C TYR D 155 -19.49 -14.08 5.93
N THR D 156 -19.37 -12.77 5.87
CA THR D 156 -20.42 -11.85 6.31
C THR D 156 -20.80 -10.92 5.17
N MET D 157 -22.09 -10.74 4.94
CA MET D 157 -22.62 -9.78 3.99
C MET D 157 -23.35 -8.69 4.76
N ILE D 158 -22.99 -7.44 4.52
CA ILE D 158 -23.59 -6.29 5.20
C ILE D 158 -24.44 -5.53 4.18
N TRP D 159 -25.73 -5.44 4.47
CA TRP D 159 -26.71 -4.81 3.59
C TRP D 159 -27.02 -3.42 4.15
N ILE D 160 -26.64 -2.38 3.41
CA ILE D 160 -26.87 -1.00 3.86
C ILE D 160 -28.32 -0.64 3.55
N ILE D 161 -29.14 -0.53 4.58
CA ILE D 161 -30.55 -0.19 4.42
C ILE D 161 -30.76 1.32 4.41
N GLU D 162 -30.17 2.00 5.39
CA GLU D 162 -30.17 3.46 5.45
C GLU D 162 -28.79 3.92 5.88
N ALA D 163 -28.36 5.07 5.35
CA ALA D 163 -27.05 5.60 5.68
C ALA D 163 -27.00 7.08 5.34
N PRO D 164 -26.36 7.91 6.17
CA PRO D 164 -26.20 9.33 5.81
C PRO D 164 -25.25 9.48 4.64
N GLU D 165 -25.57 10.40 3.74
CA GLU D 165 -24.74 10.62 2.55
C GLU D 165 -23.45 11.34 2.89
N ASP D 166 -23.44 12.13 3.97
CA ASP D 166 -22.25 12.85 4.37
C ASP D 166 -21.41 11.98 5.30
N PRO D 167 -20.19 11.59 4.91
CA PRO D 167 -19.36 10.76 5.80
C PRO D 167 -18.96 11.48 7.08
N ALA D 168 -19.05 12.81 7.12
CA ALA D 168 -18.73 13.55 8.34
C ALA D 168 -19.71 13.24 9.46
N ILE D 169 -20.92 12.78 9.13
CA ILE D 169 -21.89 12.42 10.16
C ILE D 169 -21.47 11.16 10.90
N GLY D 170 -20.61 10.34 10.31
CA GLY D 170 -20.12 9.13 10.93
C GLY D 170 -20.58 7.89 10.19
N GLY D 171 -20.28 6.74 10.80
CA GLY D 171 -20.63 5.46 10.22
C GLY D 171 -19.64 4.90 9.23
N VAL D 172 -18.46 5.51 9.10
CA VAL D 172 -17.46 5.01 8.18
C VAL D 172 -16.91 3.68 8.69
N LEU D 173 -16.76 2.72 7.78
CA LEU D 173 -16.18 1.42 8.11
C LEU D 173 -14.67 1.46 7.86
N GLN D 174 -13.91 0.95 8.82
CA GLN D 174 -12.46 0.83 8.72
C GLN D 174 -12.07 -0.62 8.93
N CYS D 175 -11.08 -1.08 8.17
CA CYS D 175 -10.74 -2.50 8.12
C CYS D 175 -9.24 -2.71 8.21
N VAL D 176 -8.86 -3.79 8.88
CA VAL D 176 -7.47 -4.29 8.87
C VAL D 176 -7.53 -5.76 8.53
N PRO D 177 -7.29 -6.14 7.28
CA PRO D 177 -7.42 -7.55 6.89
C PRO D 177 -6.20 -8.37 7.31
N HIS D 178 -6.38 -9.69 7.20
CA HIS D 178 -5.31 -10.66 7.47
C HIS D 178 -4.83 -10.59 8.91
N SER D 179 -5.76 -10.36 9.82
CA SER D 179 -5.57 -10.53 11.25
C SER D 179 -6.32 -11.78 11.69
N GLU D 180 -6.50 -11.94 12.99
CA GLU D 180 -7.38 -12.98 13.51
C GLU D 180 -7.73 -12.62 14.95
N TRP D 181 -8.73 -13.32 15.48
CA TRP D 181 -9.38 -12.96 16.73
C TRP D 181 -8.85 -13.87 17.83
N ASP D 182 -8.04 -13.30 18.73
CA ASP D 182 -7.62 -13.95 19.96
C ASP D 182 -8.45 -13.33 21.08
N LYS D 183 -9.45 -14.07 21.56
CA LYS D 183 -10.40 -13.51 22.52
C LYS D 183 -9.75 -13.20 23.87
N GLN D 184 -8.67 -13.90 24.21
CA GLN D 184 -7.97 -13.67 25.47
C GLN D 184 -6.81 -12.69 25.33
N ASN D 185 -6.41 -12.34 24.11
CA ASN D 185 -5.31 -11.43 23.85
C ASN D 185 -5.48 -10.83 22.47
N PRO D 186 -6.41 -9.89 22.29
CA PRO D 186 -6.75 -9.45 20.92
C PRO D 186 -5.63 -8.70 20.21
N GLN D 187 -4.82 -7.95 20.93
CA GLN D 187 -3.72 -7.17 20.33
C GLN D 187 -4.25 -6.27 19.22
N ILE D 188 -5.38 -5.61 19.49
CA ILE D 188 -6.03 -4.79 18.47
C ILE D 188 -5.10 -3.66 18.01
N TRP D 189 -4.45 -3.00 18.96
CA TRP D 189 -3.59 -1.89 18.62
C TRP D 189 -2.34 -2.35 17.85
N GLN D 190 -1.87 -3.57 18.12
CA GLN D 190 -0.70 -4.06 17.40
C GLN D 190 -1.02 -4.34 15.94
N TYR D 191 -2.23 -4.84 15.67
CA TYR D 191 -2.65 -5.03 14.28
C TYR D 191 -2.78 -3.69 13.56
N ILE D 192 -3.25 -2.66 14.26
CA ILE D 192 -3.38 -1.34 13.67
C ILE D 192 -2.00 -0.74 13.40
N LEU D 193 -1.04 -0.96 14.30
CA LEU D 193 0.28 -0.38 14.12
C LEU D 193 1.07 -1.08 13.01
N ASN D 194 0.80 -2.37 12.78
CA ASN D 194 1.55 -3.14 11.81
CA ASN D 194 1.55 -3.15 11.81
C ASN D 194 0.90 -3.19 10.44
N ASN D 195 -0.26 -2.56 10.27
CA ASN D 195 -0.98 -2.60 9.00
C ASN D 195 -1.54 -1.23 8.67
N PRO D 196 -1.75 -0.94 7.39
CA PRO D 196 -2.53 0.25 7.04
C PRO D 196 -4.01 0.02 7.21
N ILE D 197 -4.71 1.08 7.59
CA ILE D 197 -6.17 1.05 7.76
C ILE D 197 -6.82 1.61 6.51
N LYS D 198 -7.75 0.85 5.94
CA LYS D 198 -8.56 1.31 4.83
C LYS D 198 -9.96 1.67 5.33
N SER D 199 -10.47 2.81 4.89
CA SER D 199 -11.77 3.31 5.34
C SER D 199 -12.74 3.35 4.18
N TYR D 200 -14.00 3.03 4.46
CA TYR D 200 -15.03 2.94 3.44
C TYR D 200 -16.30 3.63 3.92
N HIS D 201 -16.94 4.36 3.01
CA HIS D 201 -18.25 4.97 3.25
C HIS D 201 -19.28 4.26 2.40
N HIS D 202 -20.50 4.12 2.94
CA HIS D 202 -21.54 3.36 2.29
C HIS D 202 -22.83 4.16 2.23
N LEU D 203 -23.59 3.94 1.15
CA LEU D 203 -24.87 4.57 0.95
C LEU D 203 -25.97 3.51 0.90
N LYS D 204 -27.20 3.96 1.12
CA LYS D 204 -28.36 3.08 0.99
C LYS D 204 -28.36 2.36 -0.34
N GLY D 205 -28.51 1.03 -0.29
CA GLY D 205 -28.45 0.20 -1.46
C GLY D 205 -27.13 -0.54 -1.64
N ASP D 206 -26.09 -0.10 -0.95
CA ASP D 206 -24.82 -0.83 -0.98
C ASP D 206 -24.95 -2.14 -0.21
N VAL D 207 -24.27 -3.17 -0.70
CA VAL D 207 -24.13 -4.45 -0.01
C VAL D 207 -22.69 -4.91 -0.21
N TYR D 208 -21.94 -5.05 0.88
CA TYR D 208 -20.54 -5.41 0.76
C TYR D 208 -20.25 -6.74 1.44
N PHE D 209 -19.31 -7.48 0.86
CA PHE D 209 -18.86 -8.77 1.36
C PHE D 209 -17.66 -8.56 2.28
N LEU D 210 -17.69 -9.17 3.46
CA LEU D 210 -16.67 -8.96 4.47
C LEU D 210 -16.13 -10.29 4.96
N LYS D 211 -14.80 -10.43 4.94
CA LYS D 211 -14.12 -11.59 5.52
C LYS D 211 -13.98 -11.34 7.02
N SER D 212 -15.05 -11.64 7.75
CA SER D 212 -15.23 -11.10 9.09
C SER D 212 -14.29 -11.72 10.13
N ASP D 213 -13.81 -12.94 9.92
CA ASP D 213 -12.98 -13.59 10.94
C ASP D 213 -11.52 -13.16 10.89
N THR D 214 -11.04 -12.68 9.74
CA THR D 214 -9.66 -12.25 9.62
C THR D 214 -9.52 -10.76 9.31
N THR D 215 -10.62 -10.01 9.27
CA THR D 215 -10.58 -8.57 9.03
C THR D 215 -11.06 -7.86 10.29
N LEU D 216 -10.11 -7.32 11.04
CA LEU D 216 -10.45 -6.45 12.16
C LEU D 216 -11.12 -5.18 11.65
N HIS D 217 -12.28 -4.85 12.19
CA HIS D 217 -13.04 -3.74 11.64
C HIS D 217 -13.92 -3.13 12.72
N HIS D 218 -14.41 -1.92 12.42
CA HIS D 218 -15.29 -1.19 13.32
C HIS D 218 -16.03 -0.13 12.52
N VAL D 219 -17.10 0.40 13.12
CA VAL D 219 -17.89 1.48 12.54
C VAL D 219 -17.60 2.74 13.33
N VAL D 220 -17.12 3.77 12.64
CA VAL D 220 -16.79 5.04 13.29
C VAL D 220 -18.04 5.57 13.99
N PRO D 221 -17.94 6.04 15.23
CA PRO D 221 -19.14 6.47 15.97
C PRO D 221 -19.89 7.58 15.25
N ILE D 222 -21.21 7.59 15.48
CA ILE D 222 -22.07 8.61 14.90
C ILE D 222 -21.75 9.96 15.52
N GLN D 223 -21.62 10.99 14.68
CA GLN D 223 -21.30 12.34 15.15
C GLN D 223 -22.50 13.26 15.24
N GLN D 224 -23.58 12.95 14.53
CA GLN D 224 -24.76 13.80 14.49
C GLN D 224 -25.98 12.94 14.23
N GLU D 225 -27.10 13.34 14.83
CA GLU D 225 -28.35 12.58 14.72
C GLU D 225 -28.65 12.22 13.27
N THR D 226 -28.78 10.93 13.02
CA THR D 226 -28.97 10.42 11.66
C THR D 226 -29.66 9.06 11.76
N THR D 227 -29.65 8.32 10.65
CA THR D 227 -30.20 6.97 10.61
C THR D 227 -29.27 6.10 9.77
N ARG D 228 -28.62 5.13 10.42
CA ARG D 228 -27.79 4.15 9.72
C ARG D 228 -28.28 2.76 10.11
N ILE D 229 -28.83 2.04 9.14
CA ILE D 229 -29.43 0.73 9.36
C ILE D 229 -28.75 -0.27 8.45
N ILE D 230 -28.32 -1.40 9.01
CA ILE D 230 -27.66 -2.44 8.25
C ILE D 230 -28.26 -3.80 8.61
N LEU D 231 -28.21 -4.72 7.66
CA LEU D 231 -28.51 -6.12 7.88
C LEU D 231 -27.22 -6.92 7.76
N ASN D 232 -26.98 -7.83 8.72
CA ASN D 232 -25.80 -8.68 8.74
C ASN D 232 -26.26 -10.11 8.51
N THR D 233 -25.91 -10.67 7.36
CA THR D 233 -26.07 -12.09 7.09
C THR D 233 -24.70 -12.74 7.11
N CYS D 234 -24.54 -13.76 7.97
CA CYS D 234 -23.23 -14.34 8.25
C CYS D 234 -23.27 -15.83 8.02
N TRP D 235 -22.33 -16.33 7.21
CA TRP D 235 -22.22 -17.75 6.91
C TRP D 235 -20.89 -18.29 7.41
N ALA D 236 -20.92 -19.55 7.85
CA ALA D 236 -19.71 -20.27 8.20
C ALA D 236 -19.11 -20.93 6.95
N SER D 237 -17.91 -21.48 7.12
CA SER D 237 -17.34 -22.34 6.09
C SER D 237 -17.89 -23.75 6.23
N ALA D 238 -18.24 -24.36 5.10
CA ALA D 238 -18.72 -25.74 5.13
C ALA D 238 -17.66 -26.72 5.60
N HIS D 239 -16.39 -26.31 5.57
CA HIS D 239 -15.28 -27.14 6.04
C HIS D 239 -14.73 -26.67 7.38
N ASP D 240 -15.52 -25.91 8.13
CA ASP D 240 -15.14 -25.50 9.48
C ASP D 240 -15.01 -26.71 10.38
N ARG D 241 -13.83 -26.89 10.96
CA ARG D 241 -13.55 -28.02 11.84
C ARG D 241 -13.62 -27.65 13.32
N ARG D 242 -13.89 -26.39 13.64
CA ARG D 242 -13.94 -25.98 15.04
C ARG D 242 -15.19 -26.54 15.72
N THR D 243 -15.00 -27.10 16.91
CA THR D 243 -16.11 -27.64 17.69
C THR D 243 -16.52 -26.75 18.85
N ASP D 244 -15.61 -25.94 19.38
CA ASP D 244 -15.88 -25.16 20.59
C ASP D 244 -15.88 -23.67 20.30
N VAL D 245 -16.70 -23.24 19.36
CA VAL D 245 -16.82 -21.81 19.04
C VAL D 245 -17.74 -21.17 20.08
N ALA D 246 -17.23 -20.18 20.79
CA ALA D 246 -18.02 -19.44 21.76
C ALA D 246 -18.70 -18.26 21.09
N HIS D 247 -19.87 -17.89 21.62
CA HIS D 247 -20.71 -16.83 21.06
C HIS D 247 -21.00 -15.77 22.09
N GLU D 248 -20.00 -15.45 22.92
CA GLU D 248 -20.21 -14.50 24.02
C GLU D 248 -20.56 -13.11 23.50
N SER D 249 -20.06 -12.73 22.32
CA SER D 249 -20.37 -11.42 21.78
C SER D 249 -21.81 -11.34 21.30
N ILE D 250 -22.29 -12.39 20.63
CA ILE D 250 -23.67 -12.39 20.14
C ILE D 250 -24.65 -12.35 21.30
N GLU D 251 -24.31 -13.03 22.41
CA GLU D 251 -25.22 -13.09 23.55
C GLU D 251 -25.46 -11.72 24.17
N VAL D 252 -24.43 -10.87 24.21
CA VAL D 252 -24.54 -9.60 24.92
C VAL D 252 -25.09 -8.45 24.05
N ILE D 253 -24.92 -8.52 22.72
CA ILE D 253 -25.41 -7.42 21.88
C ILE D 253 -26.85 -7.74 21.48
N TRP D 254 -27.07 -8.90 20.86
CA TRP D 254 -28.37 -9.24 20.31
C TRP D 254 -29.16 -10.23 21.17
N ASP D 255 -28.49 -11.01 22.01
CA ASP D 255 -29.10 -12.09 22.79
C ASP D 255 -29.54 -13.23 21.86
N THR D 256 -29.87 -14.39 22.44
CA THR D 256 -30.18 -15.57 21.67
C THR D 256 -31.66 -15.92 21.63
N LYS D 257 -32.49 -15.25 22.43
CA LYS D 257 -33.93 -15.49 22.47
C LYS D 257 -34.67 -14.25 21.97
N ALA D 258 -35.87 -14.46 21.46
CA ALA D 258 -36.71 -13.35 21.03
C ALA D 258 -37.05 -12.45 22.22
N ARG D 259 -36.63 -11.20 22.15
CA ARG D 259 -36.82 -10.26 23.24
C ARG D 259 -38.16 -9.55 23.14
NI NI E . 7.53 -20.37 -7.37
CL CL F . 5.63 -21.78 -6.98
N ORN G . 4.58 -24.30 -10.97
CA ORN G . 5.86 -23.63 -10.79
CB ORN G . 6.88 -24.54 -10.11
CG ORN G . 6.59 -24.69 -8.62
CD ORN G . 7.50 -25.73 -7.98
NE ORN G . 7.17 -26.12 -6.63
C ORN G . 6.50 -23.11 -12.12
O ORN G . 7.71 -22.73 -12.08
OXT ORN G . 5.78 -23.08 -13.15
C1 PGE H . 27.55 -24.68 -14.74
O1 PGE H . 27.37 -23.43 -14.14
C2 PGE H . 26.59 -25.70 -14.11
O2 PGE H . 26.95 -25.92 -12.77
C3 PGE H . 26.43 -27.10 -12.24
C4 PGE H . 27.13 -27.43 -10.93
O4 PGE H . 27.28 -24.33 -8.18
C6 PGE H . 27.02 -25.63 -7.73
C5 PGE H . 27.52 -26.64 -8.76
O3 PGE H . 26.84 -26.46 -9.97
C1 PGE I . -10.93 -23.14 -7.99
O1 PGE I . -11.71 -22.63 -9.02
C2 PGE I . -9.83 -22.14 -7.62
O2 PGE I . -8.60 -22.62 -8.06
C3 PGE I . -8.40 -22.51 -9.44
C4 PGE I . -8.22 -21.04 -9.83
O4 PGE I . -11.96 -19.72 -12.16
C6 PGE I . -10.57 -19.84 -12.24
C5 PGE I . -10.10 -20.86 -11.21
O3 PGE I . -8.70 -20.82 -11.12
C1 PGE J . 6.07 -10.94 -18.87
O1 PGE J . 7.42 -11.23 -18.61
C2 PGE J . 5.20 -12.07 -18.33
O2 PGE J . 3.92 -11.99 -18.91
C3 PGE J . 3.91 -12.17 -20.31
C4 PGE J . 4.22 -13.62 -20.65
O4 PGE J . 8.11 -13.76 -21.73
C6 PGE J . 7.28 -14.69 -22.37
C5 PGE J . 5.83 -14.22 -22.27
O3 PGE J . 5.58 -13.76 -20.97
C1 AKG K . 10.02 -21.81 -7.24
O1 AKG K . 10.91 -22.66 -7.02
O2 AKG K . 8.84 -22.18 -7.46
C2 AKG K . 10.36 -20.33 -7.23
O5 AKG K . 9.53 -19.52 -7.42
C3 AKG K . 11.81 -19.88 -6.98
C4 AKG K . 11.80 -18.66 -6.07
C5 AKG K . 13.21 -18.13 -5.88
O3 AKG K . 14.14 -18.56 -6.63
O4 AKG K . 13.45 -17.27 -5.00
NI NI L . 10.09 9.26 -18.41
CL CL M . 10.95 11.23 -17.67
N ORN N . 15.60 11.23 -18.88
CA ORN N . 14.65 10.39 -19.60
CB ORN N . 14.00 11.14 -20.75
CG ORN N . 13.23 12.34 -20.27
CD ORN N . 12.45 13.01 -21.41
NE ORN N . 11.68 14.18 -21.06
C ORN N . 15.29 9.08 -20.17
O ORN N . 16.46 8.78 -19.81
OXT ORN N . 14.60 8.39 -20.97
O1 PG4 O . 7.89 1.76 -37.90
C1 PG4 O . 8.54 2.49 -38.90
C2 PG4 O . 8.97 3.85 -38.36
O2 PG4 O . 7.83 4.67 -38.20
C3 PG4 O . 7.35 5.20 -39.40
C4 PG4 O . 6.44 6.39 -39.09
O3 PG4 O . 5.49 6.01 -38.13
C5 PG4 O . 4.19 6.41 -38.43
C6 PG4 O . 3.31 6.25 -37.19
O4 PG4 O . 3.10 4.90 -36.94
C7 PG4 O . 1.87 4.42 -37.40
C8 PG4 O . 1.81 2.90 -37.24
O5 PG4 O . 2.89 2.32 -37.93
C1 PEG P . 2.29 -12.40 -27.46
O1 PEG P . 3.61 -12.71 -27.08
C2 PEG P . 1.60 -11.65 -26.33
O2 PEG P . 0.28 -11.34 -26.71
C3 PEG P . -0.69 -12.02 -25.96
C4 PEG P . -2.04 -11.86 -26.65
O4 PEG P . -3.07 -12.18 -25.74
C1 PEG Q . -1.18 36.43 -15.52
O1 PEG Q . -2.46 36.74 -15.05
C2 PEG Q . -1.26 35.81 -16.91
O2 PEG Q . -0.02 35.25 -17.25
C3 PEG Q . 0.35 34.17 -16.45
C4 PEG Q . 1.56 33.46 -17.05
O4 PEG Q . 1.98 32.45 -16.18
C1 PGE R . 16.36 -4.43 -15.80
O1 PGE R . 15.40 -5.15 -15.08
C2 PGE R . 16.38 -2.98 -15.32
O2 PGE R . 17.01 -2.91 -14.06
C3 PGE R . 17.89 -1.82 -13.92
C4 PGE R . 19.29 -2.22 -14.39
O4 PGE R . 18.53 -3.25 -18.36
C6 PGE R . 19.85 -3.05 -17.93
C5 PGE R . 19.94 -3.21 -16.42
O3 PGE R . 19.37 -2.11 -15.79
C1 AKG S . 9.21 9.50 -21.18
O1 AKG S . 10.14 10.03 -20.52
O2 AKG S . 8.81 10.03 -22.26
C2 AKG S . 8.56 8.22 -20.67
O5 AKG S . 8.77 7.85 -19.56
C3 AKG S . 7.63 7.42 -21.59
C4 AKG S . 6.30 7.21 -20.85
C5 AKG S . 5.37 6.34 -21.70
O3 AKG S . 5.72 5.99 -22.85
O4 AKG S . 4.25 6.00 -21.23
NI NI T . 0.85 18.14 14.32
CL CL U . 1.31 19.92 12.76
N ORN V . -1.84 23.55 13.55
CA ORN V . -1.67 22.50 14.54
CB ORN V . -0.55 22.84 15.53
CG ORN V . 0.82 22.89 14.87
CD ORN V . 1.91 23.09 15.93
NE ORN V . 3.26 23.26 15.44
C ORN V . -2.96 22.18 15.37
O ORN V . -2.81 21.48 16.41
OXT ORN V . -4.06 22.63 14.96
C1 PEG W . -14.39 16.65 15.82
O1 PEG W . -15.21 16.60 16.97
C2 PEG W . -14.99 15.74 14.74
O2 PEG W . -14.16 15.76 13.62
C3 PEG W . -13.62 14.50 13.30
C4 PEG W . -12.82 14.61 12.00
O4 PEG W . -12.34 13.34 11.65
C1 PEG X . 10.85 35.00 4.08
O1 PEG X . 11.93 35.89 4.00
C2 PEG X . 11.37 33.56 4.08
O2 PEG X . 10.30 32.68 4.18
C3 PEG X . 10.43 31.73 5.21
C4 PEG X . 9.82 32.28 6.50
O4 PEG X . 8.42 32.21 6.41
C1 PGE Y . 6.13 17.49 34.49
O1 PGE Y . 6.28 16.13 34.15
C2 PGE Y . 5.17 17.61 35.66
O2 PGE Y . 4.61 18.90 35.68
C3 PGE Y . 3.83 19.20 34.56
C4 PGE Y . 2.41 19.56 34.99
O4 PGE Y . 0.02 16.20 35.15
C6 PGE Y . 0.15 17.05 36.26
C5 PGE Y . 0.50 18.46 35.79
O3 PGE Y . 1.62 18.40 34.96
C1 AKG Z . 1.87 18.44 16.81
O1 AKG Z . 2.66 18.85 17.69
O2 AKG Z . 1.54 19.19 15.85
C2 AKG Z . 1.32 17.01 16.90
O5 AKG Z . 0.67 16.59 16.01
C3 AKG Z . 1.61 16.15 18.12
C4 AKG Z . 2.19 14.82 17.65
C5 AKG Z . 2.58 13.97 18.86
O3 AKG Z . 3.35 12.99 18.71
O4 AKG Z . 2.13 14.26 20.00
NI NI AA . -18.42 -7.08 12.09
CL CL BA . -18.10 -9.49 12.12
N ORN CA . -18.61 -10.79 16.98
CA ORN CA . -19.11 -9.56 16.37
CB ORN CA . -20.54 -9.74 15.85
CG ORN CA . -20.58 -10.52 14.56
CD ORN CA . -22.02 -10.71 14.07
NE ORN CA . -22.19 -11.56 12.92
C ORN CA . -19.11 -8.33 17.34
O ORN CA . -18.40 -8.40 18.39
OXT ORN CA . -19.79 -7.33 17.00
C1 PGE DA . -34.88 4.67 17.12
O1 PGE DA . -34.85 6.04 16.83
C2 PGE DA . -36.22 4.10 16.72
O2 PGE DA . -36.23 2.72 16.95
C3 PGE DA . -36.18 1.94 15.79
C4 PGE DA . -37.50 2.06 15.04
O4 PGE DA . -36.11 2.73 11.20
C6 PGE DA . -37.47 2.44 11.38
C5 PGE DA . -37.69 1.74 12.72
O3 PGE DA . -37.26 2.58 13.75
C1 PGE EA . -24.32 -25.76 13.06
O1 PGE EA . -25.56 -26.05 12.47
C2 PGE EA . -23.36 -25.21 11.99
O2 PGE EA . -22.23 -24.69 12.61
C3 PGE EA . -21.23 -24.28 11.71
C4 PGE EA . -20.23 -25.42 11.51
O4 PGE EA . -21.00 -28.15 7.81
C6 PGE EA . -20.43 -26.92 8.19
C5 PGE EA . -20.25 -26.91 9.71
O3 PGE EA . -20.00 -25.60 10.15
C1 AKG FA . -21.28 -6.35 11.91
O1 AKG FA . -20.63 -7.34 12.34
O2 AKG FA . -22.53 -6.42 11.80
C2 AKG FA . -20.54 -5.06 11.53
O5 AKG FA . -19.36 -5.02 11.57
C3 AKG FA . -21.33 -3.84 11.10
C4 AKG FA . -20.61 -3.17 9.93
C5 AKG FA . -21.46 -2.03 9.39
O3 AKG FA . -21.29 -1.62 8.20
O4 AKG FA . -22.33 -1.48 10.11
#